data_9INE
#
_entry.id   9INE
#
_cell.length_a   1.00
_cell.length_b   1.00
_cell.length_c   1.00
_cell.angle_alpha   90.00
_cell.angle_beta   90.00
_cell.angle_gamma   90.00
#
_symmetry.space_group_name_H-M   'P 1'
#
loop_
_entity.id
_entity.type
_entity.pdbx_description
1 polymer 'Solute carrier family 53 member 1'
2 non-polymer CHOLESTEROL
3 non-polymer 1,2-Distearoyl-sn-glycerophosphoethanolamine
4 non-polymer 1-O-OCTADECYL-SN-GLYCERO-3-PHOSPHOCHOLINE
5 non-polymer 'PALMITIC ACID'
6 non-polymer 'ARACHIDONIC ACID'
7 water water
#
_entity_poly.entity_id   1
_entity_poly.type   'polypeptide(L)'
_entity_poly.pdbx_seq_one_letter_code
;MKFAEHLSAHITPEWRKQYIQYEAFKDMLYSAQDQAPSVEVTDEDTVKRYFAKFEEKFFQTCEKELAKINTFYSEKLAEA
QRRFATLQNELQSSLDAQKESTGVTTLRQRRKPVFHLSHEERVQHRNIKDLKLAFSEFYLSLILLQNYQNLNFTGFRKIL
KKHDKILETSRGADWRVAHVEVAPFYTCKKINQLISETEAVVTNELEDGDRQKAMKRLRVPPLGAAQPAPAWTTFRVGLF
CGIFIVLNITLVLAAVFKLETDRSIWPLIRIYRGGFLLIEFLFLLGINTYGWRQAGVNHVLIFELNPRSNLSHQHLFEIA
GFLGILWCLSLLACFFAPISVIPTYVYPLALYGFMVFFLINPTKTFYYKSRFWLLKLLFRVFTAPFHKVGFADFWLADQL
NSLSVILMDLEYMICFYSLELKWDESKGLLPNNSEESGICHKYTYGVRAIVQCIPAWLRFIQCLRRYRDTKRAFPHLVNA
GKYSTTFFMVTFAALYSTHKERGHSDTMVFFYLWIVFYIISSCYTLIWDLKMDWGLFDKNAGENTFLREEIVYPQKAYYY
CAIIEDVILRFAWTIQISITSTTLLPHSGDIIATVFAPLEVFRRFVWNFFRLENEHLNNCGEFRAVRDISVAPLNADDQT
LLEQMMDQDDGVRNRQKNRSWKYNQSISLRRPRLASQSKARDTKVLIEDTDDEANTSRENLYFQ
;
_entity_poly.pdbx_strand_id   B,A
#
# COMPACT_ATOMS: atom_id res chain seq x y z
N ALA A 226 -12.77 23.83 -5.27
CA ALA A 226 -12.06 23.04 -4.27
C ALA A 226 -12.92 21.87 -3.79
N GLN A 227 -13.55 21.18 -4.73
CA GLN A 227 -14.37 20.04 -4.39
C GLN A 227 -13.50 18.91 -3.84
N PRO A 228 -13.95 18.23 -2.79
CA PRO A 228 -13.14 17.14 -2.21
C PRO A 228 -12.98 15.99 -3.18
N ALA A 229 -11.81 15.35 -3.11
CA ALA A 229 -11.54 14.21 -3.97
C ALA A 229 -12.38 13.01 -3.53
N PRO A 230 -12.75 12.14 -4.47
CA PRO A 230 -13.54 10.96 -4.11
C PRO A 230 -12.76 10.04 -3.19
N ALA A 231 -13.50 9.32 -2.33
CA ALA A 231 -12.85 8.38 -1.42
C ALA A 231 -12.11 7.29 -2.17
N TRP A 232 -12.57 6.93 -3.37
CA TRP A 232 -11.90 5.90 -4.14
C TRP A 232 -10.50 6.34 -4.54
N THR A 233 -10.33 7.61 -4.93
CA THR A 233 -8.99 8.06 -5.32
C THR A 233 -8.07 8.19 -4.10
N THR A 234 -8.62 8.51 -2.93
CA THR A 234 -7.81 8.49 -1.72
C THR A 234 -7.36 7.07 -1.40
N PHE A 235 -8.26 6.10 -1.54
CA PHE A 235 -7.86 4.71 -1.37
C PHE A 235 -6.79 4.32 -2.38
N ARG A 236 -6.93 4.78 -3.63
CA ARG A 236 -5.96 4.43 -4.66
C ARG A 236 -4.58 5.01 -4.36
N VAL A 237 -4.52 6.28 -3.93
CA VAL A 237 -3.23 6.87 -3.62
C VAL A 237 -2.62 6.19 -2.39
N GLY A 238 -3.45 5.84 -1.40
CA GLY A 238 -2.93 5.07 -0.27
C GLY A 238 -2.37 3.73 -0.70
N LEU A 239 -3.09 3.01 -1.57
CA LEU A 239 -2.63 1.72 -2.07
C LEU A 239 -1.30 1.87 -2.79
N PHE A 240 -1.20 2.85 -3.68
CA PHE A 240 0.03 3.04 -4.45
C PHE A 240 1.18 3.44 -3.55
N CYS A 241 0.93 4.30 -2.56
CA CYS A 241 1.99 4.72 -1.65
C CYS A 241 2.47 3.55 -0.80
N GLY A 242 1.56 2.70 -0.33
CA GLY A 242 1.98 1.53 0.42
C GLY A 242 2.77 0.54 -0.41
N ILE A 243 2.31 0.27 -1.63
CA ILE A 243 3.05 -0.59 -2.53
C ILE A 243 4.43 -0.01 -2.79
N PHE A 244 4.51 1.32 -2.94
CA PHE A 244 5.79 1.97 -3.17
C PHE A 244 6.70 1.82 -1.97
N ILE A 245 6.17 1.98 -0.76
CA ILE A 245 6.99 1.85 0.44
C ILE A 245 7.56 0.44 0.55
N VAL A 246 6.70 -0.57 0.37
CA VAL A 246 7.18 -1.94 0.51
C VAL A 246 8.16 -2.28 -0.59
N LEU A 247 7.88 -1.85 -1.82
CA LEU A 247 8.80 -2.12 -2.92
C LEU A 247 10.13 -1.43 -2.72
N ASN A 248 10.12 -0.21 -2.15
CA ASN A 248 11.37 0.49 -1.86
C ASN A 248 12.18 -0.22 -0.80
N ILE A 249 11.52 -0.71 0.26
CA ILE A 249 12.24 -1.44 1.29
C ILE A 249 12.81 -2.73 0.72
N THR A 250 12.03 -3.43 -0.11
CA THR A 250 12.53 -4.64 -0.76
C THR A 250 13.70 -4.33 -1.66
N LEU A 251 13.64 -3.21 -2.38
CA LEU A 251 14.72 -2.81 -3.28
C LEU A 251 15.99 -2.50 -2.51
N VAL A 252 15.88 -1.77 -1.40
CA VAL A 252 17.04 -1.47 -0.57
C VAL A 252 17.65 -2.75 -0.02
N LEU A 253 16.80 -3.66 0.47
CA LEU A 253 17.30 -4.92 1.03
C LEU A 253 17.96 -5.77 -0.05
N ALA A 254 17.38 -5.81 -1.25
CA ALA A 254 18.00 -6.56 -2.34
C ALA A 254 19.34 -5.96 -2.74
N ALA A 255 19.42 -4.62 -2.80
CA ALA A 255 20.67 -3.98 -3.15
C ALA A 255 21.75 -4.27 -2.12
N VAL A 256 21.41 -4.21 -0.84
CA VAL A 256 22.44 -4.39 0.18
C VAL A 256 22.78 -5.86 0.38
N PHE A 257 21.83 -6.78 0.17
CA PHE A 257 22.06 -8.21 0.39
C PHE A 257 22.43 -8.94 -0.89
N LYS A 258 21.55 -8.92 -1.89
CA LYS A 258 21.71 -9.74 -3.09
C LYS A 258 22.32 -8.88 -4.19
N LEU A 259 23.64 -8.93 -4.31
CA LEU A 259 24.35 -8.23 -5.36
C LEU A 259 25.72 -8.88 -5.55
N GLU A 260 26.34 -8.58 -6.68
CA GLU A 260 27.68 -9.05 -6.99
C GLU A 260 28.60 -7.85 -7.16
N THR A 261 29.70 -7.83 -6.42
CA THR A 261 30.64 -6.70 -6.41
C THR A 261 31.79 -6.91 -7.39
N ASP A 262 31.47 -7.19 -8.65
CA ASP A 262 32.48 -7.32 -9.70
C ASP A 262 32.15 -6.49 -10.93
N ARG A 263 30.99 -5.86 -10.98
CA ARG A 263 30.58 -5.05 -12.11
C ARG A 263 30.11 -3.69 -11.60
N SER A 264 30.21 -2.68 -12.47
CA SER A 264 29.86 -1.32 -12.10
C SER A 264 28.35 -1.16 -12.10
N ILE A 265 27.79 -0.79 -10.95
CA ILE A 265 26.37 -0.48 -10.84
C ILE A 265 26.04 0.91 -11.34
N TRP A 266 27.05 1.71 -11.69
CA TRP A 266 26.82 3.10 -12.06
C TRP A 266 25.95 3.28 -13.30
N PRO A 267 26.09 2.49 -14.38
CA PRO A 267 25.13 2.66 -15.50
C PRO A 267 23.69 2.52 -15.07
N LEU A 268 23.37 1.55 -14.21
CA LEU A 268 22.00 1.40 -13.75
C LEU A 268 21.54 2.61 -12.94
N ILE A 269 22.41 3.12 -12.08
CA ILE A 269 22.06 4.30 -11.28
C ILE A 269 21.79 5.49 -12.19
N ARG A 270 22.62 5.68 -13.22
CA ARG A 270 22.44 6.81 -14.12
C ARG A 270 21.20 6.64 -14.98
N ILE A 271 20.82 5.41 -15.31
CA ILE A 271 19.59 5.20 -16.08
C ILE A 271 18.37 5.50 -15.22
N TYR A 272 18.37 5.05 -13.97
CA TYR A 272 17.16 5.14 -13.14
C TYR A 272 17.07 6.43 -12.34
N ARG A 273 18.14 7.24 -12.29
CA ARG A 273 18.07 8.49 -11.53
C ARG A 273 17.06 9.45 -12.14
N GLY A 274 16.97 9.50 -13.47
CA GLY A 274 15.99 10.36 -14.09
C GLY A 274 14.57 9.98 -13.73
N GLY A 275 14.26 8.68 -13.77
CA GLY A 275 12.94 8.23 -13.37
C GLY A 275 12.65 8.54 -11.91
N PHE A 276 13.62 8.31 -11.02
CA PHE A 276 13.40 8.61 -9.61
C PHE A 276 13.16 10.09 -9.40
N LEU A 277 13.93 10.93 -10.11
CA LEU A 277 13.74 12.38 -9.97
C LEU A 277 12.38 12.80 -10.47
N LEU A 278 11.90 12.18 -11.54
CA LEU A 278 10.56 12.50 -12.02
C LEU A 278 9.48 12.10 -11.01
N ILE A 279 9.64 10.91 -10.39
CA ILE A 279 8.69 10.49 -9.37
C ILE A 279 8.69 11.48 -8.21
N GLU A 280 9.87 11.85 -7.75
CA GLU A 280 9.98 12.79 -6.63
C GLU A 280 9.39 14.14 -7.00
N PHE A 281 9.61 14.59 -8.23
CA PHE A 281 9.06 15.87 -8.65
C PHE A 281 7.54 15.83 -8.66
N LEU A 282 6.95 14.74 -9.16
CA LEU A 282 5.49 14.64 -9.16
C LEU A 282 4.94 14.60 -7.75
N PHE A 283 5.58 13.85 -6.85
CA PHE A 283 5.11 13.77 -5.47
C PHE A 283 5.21 15.12 -4.78
N LEU A 284 6.35 15.80 -4.93
CA LEU A 284 6.52 17.12 -4.33
C LEU A 284 5.60 18.15 -4.98
N LEU A 285 5.24 17.96 -6.25
CA LEU A 285 4.28 18.85 -6.88
C LEU A 285 2.88 18.63 -6.34
N GLY A 286 2.53 17.39 -6.01
CA GLY A 286 1.29 17.15 -5.29
C GLY A 286 1.28 17.86 -3.94
N ILE A 287 2.41 17.78 -3.21
CA ILE A 287 2.53 18.51 -1.96
C ILE A 287 2.35 20.01 -2.20
N ASN A 288 2.95 20.52 -3.28
CA ASN A 288 2.83 21.93 -3.61
C ASN A 288 1.39 22.32 -3.89
N THR A 289 0.67 21.48 -4.63
CA THR A 289 -0.73 21.78 -4.92
C THR A 289 -1.57 21.81 -3.64
N TYR A 290 -1.32 20.86 -2.74
CA TYR A 290 -2.02 20.88 -1.45
C TYR A 290 -1.71 22.15 -0.68
N GLY A 291 -0.43 22.54 -0.64
CA GLY A 291 -0.06 23.75 0.06
C GLY A 291 -0.68 24.99 -0.55
N TRP A 292 -0.72 25.05 -1.88
CA TRP A 292 -1.36 26.18 -2.55
C TRP A 292 -2.85 26.24 -2.22
N ARG A 293 -3.53 25.09 -2.24
CA ARG A 293 -4.96 25.09 -1.98
C ARG A 293 -5.26 25.51 -0.54
N GLN A 294 -4.51 24.99 0.43
CA GLN A 294 -4.82 25.30 1.83
C GLN A 294 -4.36 26.71 2.21
N ALA A 295 -3.22 27.15 1.67
CA ALA A 295 -2.67 28.45 2.06
C ALA A 295 -3.55 29.60 1.59
N GLY A 296 -4.08 29.52 0.38
CA GLY A 296 -4.91 30.57 -0.15
C GLY A 296 -4.49 31.05 -1.53
N VAL A 297 -3.23 30.80 -1.90
CA VAL A 297 -2.76 31.14 -3.23
C VAL A 297 -3.54 30.35 -4.26
N ASN A 298 -4.14 31.06 -5.21
CA ASN A 298 -5.00 30.46 -6.24
C ASN A 298 -4.13 30.11 -7.43
N HIS A 299 -3.69 28.85 -7.48
CA HIS A 299 -2.88 28.39 -8.60
C HIS A 299 -3.70 28.17 -9.85
N VAL A 300 -5.01 27.94 -9.72
CA VAL A 300 -5.85 27.72 -10.89
C VAL A 300 -5.93 28.99 -11.73
N LEU A 301 -6.21 30.12 -11.10
CA LEU A 301 -6.26 31.39 -11.83
C LEU A 301 -4.90 31.76 -12.37
N ILE A 302 -3.84 31.55 -11.59
CA ILE A 302 -2.49 31.93 -12.02
C ILE A 302 -2.07 31.10 -13.23
N PHE A 303 -2.30 29.79 -13.17
CA PHE A 303 -1.96 28.91 -14.29
C PHE A 303 -2.93 29.03 -15.46
N GLU A 304 -4.04 29.77 -15.29
CA GLU A 304 -5.08 29.89 -16.32
C GLU A 304 -5.64 28.52 -16.69
N LEU A 305 -6.20 27.84 -15.69
CA LEU A 305 -6.79 26.52 -15.86
C LEU A 305 -8.30 26.59 -15.71
N ASN A 306 -8.98 25.63 -16.32
CA ASN A 306 -10.42 25.52 -16.17
C ASN A 306 -10.73 25.01 -14.76
N PRO A 307 -11.51 25.75 -13.97
CA PRO A 307 -11.74 25.33 -12.58
C PRO A 307 -12.48 24.00 -12.44
N ARG A 308 -13.15 23.53 -13.49
CA ARG A 308 -13.94 22.30 -13.37
C ARG A 308 -13.05 21.07 -13.28
N SER A 309 -12.03 20.99 -14.14
CA SER A 309 -11.21 19.80 -14.27
C SER A 309 -9.81 19.96 -13.71
N ASN A 310 -9.59 20.93 -12.83
CA ASN A 310 -8.28 21.11 -12.24
C ASN A 310 -7.91 19.92 -11.37
N LEU A 311 -6.63 19.54 -11.38
CA LEU A 311 -6.17 18.38 -10.65
C LEU A 311 -5.93 18.74 -9.19
N SER A 312 -6.60 18.02 -8.29
CA SER A 312 -6.28 18.14 -6.87
C SER A 312 -4.97 17.41 -6.57
N HIS A 313 -4.45 17.65 -5.36
CA HIS A 313 -3.19 17.01 -4.98
C HIS A 313 -3.32 15.50 -4.91
N GLN A 314 -4.54 14.98 -4.72
CA GLN A 314 -4.74 13.54 -4.68
C GLN A 314 -4.36 12.89 -6.01
N HIS A 315 -4.74 13.53 -7.12
CA HIS A 315 -4.44 12.97 -8.43
C HIS A 315 -2.95 12.98 -8.73
N LEU A 316 -2.26 14.07 -8.36
CA LEU A 316 -0.81 14.13 -8.54
C LEU A 316 -0.12 13.08 -7.68
N PHE A 317 -0.58 12.93 -6.43
CA PHE A 317 -0.03 11.91 -5.55
C PHE A 317 -0.24 10.52 -6.15
N GLU A 318 -1.42 10.26 -6.72
CA GLU A 318 -1.71 8.95 -7.29
C GLU A 318 -0.87 8.68 -8.53
N ILE A 319 -0.68 9.68 -9.39
CA ILE A 319 0.16 9.51 -10.57
C ILE A 319 1.60 9.24 -10.16
N ALA A 320 2.09 10.01 -9.19
CA ALA A 320 3.46 9.79 -8.69
C ALA A 320 3.60 8.40 -8.10
N GLY A 321 2.60 7.96 -7.34
CA GLY A 321 2.66 6.63 -6.75
C GLY A 321 2.65 5.52 -7.77
N PHE A 322 1.80 5.63 -8.79
CA PHE A 322 1.73 4.60 -9.82
C PHE A 322 3.03 4.53 -10.61
N LEU A 323 3.55 5.68 -11.02
CA LEU A 323 4.82 5.68 -11.75
C LEU A 323 5.97 5.21 -10.86
N GLY A 324 5.88 5.47 -9.55
CA GLY A 324 6.86 4.91 -8.62
C GLY A 324 6.75 3.41 -8.51
N ILE A 325 5.53 2.88 -8.56
CA ILE A 325 5.34 1.43 -8.59
C ILE A 325 6.06 0.85 -9.79
N LEU A 326 5.85 1.47 -10.96
CA LEU A 326 6.49 0.97 -12.17
C LEU A 326 8.01 1.08 -12.09
N TRP A 327 8.51 2.20 -11.57
CA TRP A 327 9.95 2.39 -11.42
C TRP A 327 10.55 1.34 -10.48
N CYS A 328 9.90 1.10 -9.36
CA CYS A 328 10.39 0.11 -8.40
C CYS A 328 10.36 -1.29 -9.00
N LEU A 329 9.30 -1.62 -9.75
CA LEU A 329 9.23 -2.93 -10.38
C LEU A 329 10.33 -3.10 -11.42
N SER A 330 10.59 -2.06 -12.23
CA SER A 330 11.64 -2.14 -13.22
C SER A 330 13.02 -2.29 -12.56
N LEU A 331 13.26 -1.53 -11.49
CA LEU A 331 14.53 -1.66 -10.79
C LEU A 331 14.68 -3.03 -10.15
N LEU A 332 13.60 -3.58 -9.60
CA LEU A 332 13.66 -4.92 -9.03
C LEU A 332 13.96 -5.96 -10.09
N ALA A 333 13.31 -5.83 -11.26
CA ALA A 333 13.60 -6.76 -12.36
C ALA A 333 15.04 -6.63 -12.83
N CYS A 334 15.59 -5.41 -12.77
CA CYS A 334 17.00 -5.24 -13.12
C CYS A 334 17.91 -5.90 -12.10
N PHE A 335 17.56 -5.83 -10.81
CA PHE A 335 18.42 -6.40 -9.78
C PHE A 335 18.53 -7.92 -9.92
N PHE A 336 17.39 -8.61 -10.01
CA PHE A 336 17.35 -10.03 -10.33
C PHE A 336 16.39 -10.24 -11.48
N ALA A 337 16.81 -11.02 -12.47
CA ALA A 337 16.00 -11.22 -13.67
C ALA A 337 14.97 -12.32 -13.43
N PRO A 338 13.69 -11.97 -13.26
CA PRO A 338 12.68 -13.02 -13.07
C PRO A 338 12.54 -13.94 -14.27
N ILE A 339 12.72 -13.41 -15.47
CA ILE A 339 12.64 -14.17 -16.71
C ILE A 339 14.02 -14.21 -17.32
N SER A 340 14.61 -15.40 -17.38
CA SER A 340 15.94 -15.54 -17.98
C SER A 340 15.93 -15.27 -19.47
N VAL A 341 14.78 -15.42 -20.13
CA VAL A 341 14.70 -15.16 -21.56
C VAL A 341 14.82 -13.66 -21.83
N ILE A 342 14.18 -12.84 -21.01
CA ILE A 342 14.17 -11.38 -21.21
C ILE A 342 15.50 -10.80 -20.72
N PRO A 343 16.25 -10.14 -21.59
CA PRO A 343 17.51 -9.52 -21.15
C PRO A 343 17.25 -8.39 -20.15
N THR A 344 18.22 -8.19 -19.25
CA THR A 344 18.04 -7.25 -18.16
C THR A 344 18.06 -5.80 -18.60
N TYR A 345 18.56 -5.51 -19.80
CA TYR A 345 18.57 -4.14 -20.29
C TYR A 345 17.22 -3.71 -20.88
N VAL A 346 16.26 -4.62 -20.97
CA VAL A 346 14.95 -4.26 -21.50
C VAL A 346 14.12 -3.54 -20.44
N TYR A 347 14.33 -3.86 -19.17
CA TYR A 347 13.46 -3.33 -18.11
C TYR A 347 13.48 -1.81 -18.02
N PRO A 348 14.63 -1.12 -17.99
CA PRO A 348 14.57 0.35 -17.99
C PRO A 348 14.01 0.93 -19.27
N LEU A 349 14.33 0.31 -20.42
CA LEU A 349 13.72 0.73 -21.67
C LEU A 349 12.21 0.53 -21.63
N ALA A 350 11.76 -0.60 -21.07
CA ALA A 350 10.33 -0.82 -20.93
C ALA A 350 9.68 0.23 -20.04
N LEU A 351 10.34 0.57 -18.93
CA LEU A 351 9.79 1.56 -18.01
C LEU A 351 9.66 2.93 -18.68
N TYR A 352 10.73 3.39 -19.33
CA TYR A 352 10.67 4.72 -19.94
C TYR A 352 9.78 4.75 -21.17
N GLY A 353 9.72 3.65 -21.94
CA GLY A 353 8.76 3.59 -23.02
C GLY A 353 7.33 3.63 -22.53
N PHE A 354 7.04 2.94 -21.43
CA PHE A 354 5.69 3.02 -20.88
C PHE A 354 5.40 4.43 -20.39
N MET A 355 6.38 5.08 -19.76
CA MET A 355 6.17 6.45 -19.30
C MET A 355 5.84 7.37 -20.48
N VAL A 356 6.60 7.23 -21.58
CA VAL A 356 6.34 8.07 -22.74
C VAL A 356 4.97 7.77 -23.32
N PHE A 357 4.62 6.48 -23.46
CA PHE A 357 3.33 6.10 -24.02
C PHE A 357 2.18 6.58 -23.14
N PHE A 358 2.35 6.49 -21.83
CA PHE A 358 1.35 6.99 -20.89
C PHE A 358 1.20 8.49 -21.04
N LEU A 359 2.30 9.20 -21.29
CA LEU A 359 2.21 10.65 -21.49
C LEU A 359 1.55 10.98 -22.82
N ILE A 360 1.83 10.20 -23.87
CA ILE A 360 1.33 10.49 -25.21
C ILE A 360 0.11 9.64 -25.56
N ASN A 361 -0.54 9.06 -24.56
CA ASN A 361 -1.69 8.20 -24.80
C ASN A 361 -2.82 9.00 -25.45
N PRO A 362 -3.29 8.62 -26.64
CA PRO A 362 -4.36 9.38 -27.29
C PRO A 362 -5.74 9.08 -26.75
N THR A 363 -5.97 7.83 -26.33
CA THR A 363 -7.28 7.42 -25.85
C THR A 363 -7.62 8.15 -24.55
N LYS A 364 -8.82 8.71 -24.50
CA LYS A 364 -9.24 9.53 -23.35
C LYS A 364 -9.60 8.63 -22.18
N THR A 365 -8.57 8.00 -21.61
CA THR A 365 -8.75 7.04 -20.54
C THR A 365 -8.14 7.51 -19.22
N PHE A 366 -6.85 7.83 -19.20
CA PHE A 366 -6.12 8.14 -17.97
C PHE A 366 -5.74 9.62 -17.97
N TYR A 367 -6.47 10.43 -17.21
CA TYR A 367 -6.16 11.84 -17.02
C TYR A 367 -6.02 12.58 -18.34
N TYR A 368 -6.97 12.34 -19.24
CA TYR A 368 -6.82 12.82 -20.61
C TYR A 368 -6.77 14.34 -20.68
N LYS A 369 -7.61 15.03 -19.91
CA LYS A 369 -7.61 16.49 -19.97
C LYS A 369 -6.27 17.05 -19.50
N SER A 370 -5.82 16.64 -18.32
CA SER A 370 -4.56 17.13 -17.77
C SER A 370 -3.39 16.69 -18.63
N ARG A 371 -3.42 15.45 -19.12
CA ARG A 371 -2.33 14.96 -19.96
C ARG A 371 -2.21 15.77 -21.25
N PHE A 372 -3.35 16.06 -21.90
CA PHE A 372 -3.30 16.83 -23.13
C PHE A 372 -2.89 18.27 -22.87
N TRP A 373 -3.33 18.84 -21.75
CA TRP A 373 -2.87 20.18 -21.38
C TRP A 373 -1.36 20.20 -21.17
N LEU A 374 -0.82 19.19 -20.48
CA LEU A 374 0.62 19.11 -20.29
C LEU A 374 1.35 18.91 -21.61
N LEU A 375 0.76 18.16 -22.53
CA LEU A 375 1.38 18.00 -23.85
C LEU A 375 1.44 19.33 -24.59
N LYS A 376 0.35 20.10 -24.57
CA LYS A 376 0.36 21.41 -25.20
C LYS A 376 1.41 22.31 -24.55
N LEU A 377 1.51 22.27 -23.22
CA LEU A 377 2.48 23.11 -22.53
C LEU A 377 3.91 22.70 -22.88
N LEU A 378 4.19 21.40 -22.95
CA LEU A 378 5.53 20.95 -23.32
C LEU A 378 5.86 21.36 -24.74
N PHE A 379 4.89 21.24 -25.65
CA PHE A 379 5.11 21.69 -27.02
C PHE A 379 5.41 23.18 -27.07
N ARG A 380 4.68 23.98 -26.30
CA ARG A 380 4.93 25.42 -26.28
C ARG A 380 6.31 25.73 -25.69
N VAL A 381 6.70 25.03 -24.64
CA VAL A 381 7.96 25.34 -23.96
C VAL A 381 9.15 24.89 -24.78
N PHE A 382 9.01 23.84 -25.59
CA PHE A 382 10.11 23.42 -26.44
C PHE A 382 10.15 24.17 -27.77
N THR A 383 9.19 25.05 -28.01
CA THR A 383 9.17 25.93 -29.17
C THR A 383 9.02 27.35 -28.67
N ALA A 384 9.87 27.72 -27.70
CA ALA A 384 9.64 28.91 -26.90
C ALA A 384 9.54 30.21 -27.68
N PRO A 385 10.47 30.55 -28.59
CA PRO A 385 10.44 31.91 -29.17
C PRO A 385 9.17 32.23 -29.92
N PHE A 386 8.52 31.25 -30.55
CA PHE A 386 7.43 31.50 -31.47
C PHE A 386 6.06 31.61 -30.79
N HIS A 387 5.98 31.42 -29.47
CA HIS A 387 4.70 31.42 -28.77
C HIS A 387 4.69 32.51 -27.70
N LYS A 388 3.57 33.22 -27.61
CA LYS A 388 3.37 34.15 -26.51
C LYS A 388 3.39 33.39 -25.20
N VAL A 389 4.13 33.92 -24.23
CA VAL A 389 4.36 33.21 -22.98
C VAL A 389 3.24 33.50 -22.00
N GLY A 390 2.81 32.46 -21.28
CA GLY A 390 1.95 32.62 -20.12
C GLY A 390 2.70 32.21 -18.87
N PHE A 391 1.98 32.21 -17.75
CA PHE A 391 2.61 31.75 -16.51
C PHE A 391 2.92 30.27 -16.58
N ALA A 392 2.07 29.48 -17.24
CA ALA A 392 2.29 28.05 -17.31
C ALA A 392 3.59 27.73 -18.05
N ASP A 393 3.83 28.43 -19.17
CA ASP A 393 5.03 28.18 -19.95
C ASP A 393 6.29 28.53 -19.16
N PHE A 394 6.30 29.73 -18.56
CA PHE A 394 7.42 30.14 -17.72
C PHE A 394 7.65 29.17 -16.57
N TRP A 395 6.57 28.76 -15.90
CA TRP A 395 6.68 27.87 -14.76
C TRP A 395 7.27 26.53 -15.15
N LEU A 396 6.74 25.93 -16.24
CA LEU A 396 7.26 24.66 -16.70
C LEU A 396 8.70 24.76 -17.18
N ALA A 397 9.07 25.90 -17.78
CA ALA A 397 10.45 26.10 -18.18
C ALA A 397 11.37 26.13 -16.96
N ASP A 398 10.97 26.80 -15.89
CA ASP A 398 11.77 26.77 -14.66
C ASP A 398 11.85 25.36 -14.09
N GLN A 399 10.74 24.63 -14.10
CA GLN A 399 10.77 23.25 -13.61
C GLN A 399 11.75 22.41 -14.42
N LEU A 400 11.78 22.60 -15.73
CA LEU A 400 12.76 21.92 -16.57
C LEU A 400 14.17 22.35 -16.19
N ASN A 401 14.36 23.64 -15.89
CA ASN A 401 15.67 24.12 -15.48
C ASN A 401 16.15 23.42 -14.23
N SER A 402 15.24 23.13 -13.30
CA SER A 402 15.60 22.35 -12.13
C SER A 402 15.65 20.85 -12.41
N LEU A 403 15.06 20.40 -13.52
CA LEU A 403 15.06 18.98 -13.89
C LEU A 403 16.00 18.70 -15.04
N SER A 404 17.12 19.42 -15.12
CA SER A 404 18.10 19.14 -16.16
C SER A 404 18.69 17.75 -16.02
N VAL A 405 18.70 17.20 -14.80
CA VAL A 405 19.29 15.88 -14.58
C VAL A 405 18.52 14.83 -15.37
N ILE A 406 17.21 15.00 -15.50
CA ILE A 406 16.41 14.05 -16.27
C ILE A 406 16.82 14.04 -17.73
N LEU A 407 17.01 15.23 -18.31
CA LEU A 407 17.45 15.32 -19.70
C LEU A 407 18.85 14.73 -19.88
N MET A 408 19.75 15.02 -18.94
CA MET A 408 21.09 14.45 -19.00
C MET A 408 21.06 12.93 -18.91
N ASP A 409 20.19 12.39 -18.05
CA ASP A 409 20.06 10.95 -17.92
C ASP A 409 19.47 10.32 -19.16
N LEU A 410 18.51 11.00 -19.80
CA LEU A 410 17.95 10.51 -21.06
C LEU A 410 19.02 10.46 -22.13
N GLU A 411 19.84 11.52 -22.22
CA GLU A 411 20.93 11.54 -23.19
C GLU A 411 21.92 10.41 -22.91
N TYR A 412 22.24 10.18 -21.64
CA TYR A 412 23.15 9.10 -21.28
C TYR A 412 22.56 7.75 -21.64
N MET A 413 21.25 7.57 -21.42
CA MET A 413 20.59 6.33 -21.80
C MET A 413 20.70 6.09 -23.30
N ILE A 414 20.42 7.13 -24.10
CA ILE A 414 20.47 6.98 -25.54
C ILE A 414 21.88 6.61 -25.99
N CYS A 415 22.89 7.34 -25.49
CA CYS A 415 24.26 7.06 -25.89
C CYS A 415 24.70 5.68 -25.46
N PHE A 416 24.36 5.30 -24.22
CA PHE A 416 24.77 4.00 -23.70
C PHE A 416 24.16 2.87 -24.51
N TYR A 417 22.88 2.97 -24.85
CA TYR A 417 22.24 1.93 -25.63
C TYR A 417 22.75 1.90 -27.06
N SER A 418 23.13 3.07 -27.61
CA SER A 418 23.60 3.10 -28.99
C SER A 418 25.03 2.57 -29.12
N LEU A 419 25.89 2.82 -28.13
CA LEU A 419 27.29 2.39 -28.25
C LEU A 419 27.68 1.32 -27.24
N GLU A 420 27.53 1.58 -25.94
CA GLU A 420 28.19 0.79 -24.91
C GLU A 420 27.29 -0.26 -24.27
N LEU A 421 26.06 -0.43 -24.77
CA LEU A 421 25.12 -1.34 -24.11
C LEU A 421 25.59 -2.79 -24.17
N LYS A 422 26.28 -3.19 -25.24
CA LYS A 422 26.67 -4.58 -25.47
C LYS A 422 25.43 -5.48 -25.52
N TRP A 423 24.65 -5.26 -26.57
CA TRP A 423 23.39 -5.97 -26.76
C TRP A 423 23.54 -7.48 -26.64
N ASP A 424 24.65 -8.02 -27.17
CA ASP A 424 24.85 -9.46 -27.13
C ASP A 424 25.00 -9.97 -25.70
N GLU A 425 25.68 -9.21 -24.85
CA GLU A 425 25.92 -9.64 -23.48
C GLU A 425 24.62 -9.76 -22.71
N SER A 426 24.51 -10.82 -21.89
CA SER A 426 23.30 -11.01 -21.09
C SER A 426 23.22 -10.02 -19.95
N LYS A 427 24.36 -9.50 -19.49
CA LYS A 427 24.43 -8.49 -18.44
C LYS A 427 25.25 -7.31 -18.92
N GLY A 428 24.93 -6.82 -20.13
CA GLY A 428 25.72 -5.76 -20.74
C GLY A 428 25.70 -4.46 -19.95
N LEU A 429 24.54 -4.10 -19.41
CA LEU A 429 24.42 -2.82 -18.72
C LEU A 429 25.14 -2.81 -17.37
N LEU A 430 25.76 -3.91 -16.97
CA LEU A 430 26.61 -3.97 -15.78
C LEU A 430 27.96 -4.54 -16.19
N PRO A 431 28.79 -3.75 -16.86
CA PRO A 431 30.06 -4.28 -17.38
C PRO A 431 31.06 -4.59 -16.28
N ASN A 432 31.96 -5.52 -16.57
CA ASN A 432 32.97 -5.94 -15.61
C ASN A 432 34.09 -4.92 -15.47
N ASN A 433 34.43 -4.21 -16.55
CA ASN A 433 35.59 -3.31 -16.56
C ASN A 433 35.39 -2.18 -15.56
N SER A 434 36.23 -2.15 -14.52
CA SER A 434 36.17 -1.06 -13.55
C SER A 434 36.52 0.27 -14.21
N GLU A 435 37.52 0.28 -15.09
CA GLU A 435 37.90 1.49 -15.81
C GLU A 435 36.79 1.87 -16.78
N GLU A 436 36.24 3.08 -16.61
CA GLU A 436 35.14 3.55 -17.44
C GLU A 436 35.71 4.18 -18.72
N SER A 437 36.20 3.31 -19.60
CA SER A 437 36.79 3.75 -20.86
C SER A 437 35.74 4.18 -21.88
N GLY A 438 34.47 3.82 -21.67
CA GLY A 438 33.44 4.24 -22.60
C GLY A 438 33.27 5.75 -22.63
N ILE A 439 33.05 6.28 -23.84
CA ILE A 439 32.95 7.72 -24.02
C ILE A 439 31.59 8.27 -23.61
N CYS A 440 30.68 7.42 -23.12
CA CYS A 440 29.35 7.90 -22.72
C CYS A 440 29.44 8.74 -21.45
N HIS A 441 30.15 8.25 -20.44
CA HIS A 441 30.41 9.07 -19.27
C HIS A 441 31.40 10.18 -19.56
N LYS A 442 32.12 10.08 -20.68
CA LYS A 442 33.02 11.14 -21.11
C LYS A 442 32.27 12.13 -21.99
N TYR A 443 32.99 13.16 -22.44
CA TYR A 443 32.38 14.32 -23.09
C TYR A 443 33.17 14.73 -24.32
N THR A 444 33.63 13.75 -25.10
CA THR A 444 34.43 14.05 -26.28
C THR A 444 33.63 14.80 -27.33
N TYR A 445 32.41 14.35 -27.62
CA TYR A 445 31.58 15.03 -28.62
C TYR A 445 31.10 16.39 -28.14
N GLY A 446 30.80 16.51 -26.84
CA GLY A 446 30.27 17.76 -26.31
C GLY A 446 28.77 17.92 -26.42
N VAL A 447 28.04 16.89 -26.87
CA VAL A 447 26.59 16.98 -26.94
C VAL A 447 25.98 16.98 -25.54
N ARG A 448 26.70 16.42 -24.56
CA ARG A 448 26.20 16.40 -23.19
C ARG A 448 26.02 17.80 -22.65
N ALA A 449 26.97 18.69 -22.95
CA ALA A 449 26.83 20.10 -22.58
C ALA A 449 25.62 20.73 -23.26
N ILE A 450 25.36 20.38 -24.52
CA ILE A 450 24.19 20.91 -25.21
C ILE A 450 22.91 20.51 -24.48
N VAL A 451 22.78 19.22 -24.18
CA VAL A 451 21.54 18.75 -23.54
C VAL A 451 21.45 19.24 -22.11
N GLN A 452 22.57 19.61 -21.49
CA GLN A 452 22.51 20.17 -20.15
C GLN A 452 22.15 21.65 -20.15
N CYS A 453 22.55 22.39 -21.19
CA CYS A 453 22.20 23.81 -21.29
C CYS A 453 20.83 24.05 -21.89
N ILE A 454 20.22 23.03 -22.50
CA ILE A 454 18.88 23.21 -23.09
C ILE A 454 17.88 23.77 -22.09
N PRO A 455 17.77 23.27 -20.85
CA PRO A 455 16.77 23.84 -19.93
C PRO A 455 16.99 25.32 -19.63
N ALA A 456 18.24 25.77 -19.54
CA ALA A 456 18.50 27.19 -19.36
C ALA A 456 18.32 27.97 -20.64
N TRP A 457 18.64 27.36 -21.79
CA TRP A 457 18.47 28.01 -23.07
C TRP A 457 17.00 28.33 -23.33
N LEU A 458 16.11 27.42 -22.95
CA LEU A 458 14.68 27.66 -23.13
C LEU A 458 14.23 28.89 -22.35
N ARG A 459 14.66 29.02 -21.09
CA ARG A 459 14.29 30.19 -20.31
C ARG A 459 14.92 31.45 -20.85
N PHE A 460 16.16 31.37 -21.33
CA PHE A 460 16.81 32.54 -21.91
C PHE A 460 16.04 33.04 -23.12
N ILE A 461 15.63 32.11 -24.00
CA ILE A 461 14.89 32.51 -25.20
C ILE A 461 13.51 33.02 -24.82
N GLN A 462 12.87 32.42 -23.81
CA GLN A 462 11.57 32.92 -23.37
C GLN A 462 11.67 34.33 -22.82
N CYS A 463 12.72 34.61 -22.03
CA CYS A 463 12.89 35.96 -21.51
C CYS A 463 13.16 36.96 -22.62
N LEU A 464 13.97 36.57 -23.62
CA LEU A 464 14.20 37.44 -24.76
C LEU A 464 12.90 37.72 -25.51
N ARG A 465 12.07 36.69 -25.68
CA ARG A 465 10.78 36.88 -26.34
C ARG A 465 9.87 37.78 -25.52
N ARG A 466 9.90 37.64 -24.20
CA ARG A 466 9.10 38.52 -23.35
C ARG A 466 9.53 39.97 -23.52
N TYR A 467 10.84 40.22 -23.54
CA TYR A 467 11.31 41.58 -23.76
C TYR A 467 10.90 42.10 -25.12
N ARG A 468 11.04 41.27 -26.16
CA ARG A 468 10.66 41.67 -27.50
C ARG A 468 9.18 41.99 -27.59
N ASP A 469 8.35 41.29 -26.81
CA ASP A 469 6.92 41.54 -26.80
C ASP A 469 6.57 42.80 -26.02
N THR A 470 7.27 43.07 -24.92
CA THR A 470 6.92 44.18 -24.05
C THR A 470 7.83 45.39 -24.20
N LYS A 471 9.01 45.23 -24.82
CA LYS A 471 9.97 46.32 -25.01
C LYS A 471 10.33 46.97 -23.67
N ARG A 472 10.49 46.15 -22.64
CA ARG A 472 10.93 46.59 -21.32
C ARG A 472 12.26 45.92 -21.01
N ALA A 473 13.31 46.73 -20.89
CA ALA A 473 14.64 46.17 -20.60
C ALA A 473 14.63 45.43 -19.26
N PHE A 474 13.95 45.98 -18.27
CA PHE A 474 13.74 45.40 -16.95
C PHE A 474 12.30 44.92 -16.83
N PRO A 475 12.06 43.76 -16.20
CA PRO A 475 13.01 42.82 -15.61
C PRO A 475 13.33 41.64 -16.51
N HIS A 476 13.44 41.83 -17.82
CA HIS A 476 13.59 40.71 -18.75
C HIS A 476 15.02 40.48 -19.19
N LEU A 477 15.80 41.53 -19.46
CA LEU A 477 17.20 41.32 -19.83
C LEU A 477 18.03 40.87 -18.64
N VAL A 478 17.71 41.34 -17.44
CA VAL A 478 18.39 40.85 -16.24
C VAL A 478 18.14 39.36 -16.08
N ASN A 479 16.89 38.93 -16.26
CA ASN A 479 16.56 37.51 -16.18
C ASN A 479 17.24 36.72 -17.30
N ALA A 480 17.30 37.29 -18.50
CA ALA A 480 17.98 36.62 -19.60
C ALA A 480 19.46 36.42 -19.30
N GLY A 481 20.11 37.42 -18.71
CA GLY A 481 21.48 37.24 -18.29
C GLY A 481 21.63 36.22 -17.18
N LYS A 482 20.67 36.20 -16.25
CA LYS A 482 20.69 35.20 -15.19
C LYS A 482 20.66 33.80 -15.76
N TYR A 483 19.80 33.56 -16.73
CA TYR A 483 19.74 32.25 -17.38
C TYR A 483 20.91 32.00 -18.30
N SER A 484 21.54 33.07 -18.81
CA SER A 484 22.70 32.93 -19.68
C SER A 484 23.97 32.62 -18.91
N THR A 485 24.01 32.91 -17.60
CA THR A 485 25.16 32.52 -16.81
C THR A 485 25.42 31.03 -16.89
N THR A 486 24.36 30.22 -17.04
CA THR A 486 24.52 28.78 -17.17
C THR A 486 25.30 28.43 -18.44
N PHE A 487 25.11 29.19 -19.52
CA PHE A 487 25.85 28.94 -20.73
C PHE A 487 27.36 29.00 -20.48
N PHE A 488 27.83 30.09 -19.88
CA PHE A 488 29.25 30.24 -19.60
C PHE A 488 29.72 29.21 -18.58
N MET A 489 28.90 28.96 -17.56
CA MET A 489 29.17 27.89 -16.61
C MET A 489 29.55 26.58 -17.31
N VAL A 490 28.61 26.03 -18.07
CA VAL A 490 28.82 24.72 -18.69
C VAL A 490 29.89 24.81 -19.77
N THR A 491 30.00 25.96 -20.43
CA THR A 491 31.02 26.14 -21.46
C THR A 491 32.36 25.89 -20.85
N PHE A 492 32.70 26.68 -19.85
CA PHE A 492 34.03 26.58 -19.25
C PHE A 492 34.19 25.27 -18.48
N ALA A 493 33.10 24.68 -18.02
CA ALA A 493 33.19 23.34 -17.43
C ALA A 493 33.68 22.32 -18.45
N ALA A 494 33.02 22.28 -19.62
CA ALA A 494 33.42 21.33 -20.66
C ALA A 494 34.80 21.65 -21.22
N LEU A 495 35.13 22.95 -21.32
CA LEU A 495 36.47 23.32 -21.76
C LEU A 495 37.52 22.83 -20.76
N TYR A 496 37.24 22.96 -19.47
CA TYR A 496 38.15 22.42 -18.46
C TYR A 496 38.27 20.91 -18.59
N SER A 497 37.15 20.23 -18.82
CA SER A 497 37.19 18.77 -19.01
C SER A 497 38.11 18.39 -20.15
N THR A 498 37.90 19.01 -21.32
CA THR A 498 38.72 18.69 -22.49
C THR A 498 40.18 19.08 -22.28
N HIS A 499 40.41 20.21 -21.61
CA HIS A 499 41.77 20.72 -21.42
C HIS A 499 42.56 19.86 -20.45
N LYS A 500 41.92 19.37 -19.38
CA LYS A 500 42.59 18.52 -18.40
C LYS A 500 42.73 17.08 -18.86
N GLU A 501 41.74 16.55 -19.58
CA GLU A 501 41.82 15.17 -20.03
C GLU A 501 42.73 14.99 -21.24
N ARG A 502 43.21 16.09 -21.83
CA ARG A 502 44.15 16.03 -22.95
C ARG A 502 45.54 16.51 -22.57
N GLY A 503 45.73 17.04 -21.36
CA GLY A 503 47.04 17.41 -20.90
C GLY A 503 47.61 18.67 -21.52
N HIS A 504 46.99 19.81 -21.26
CA HIS A 504 47.45 21.10 -21.75
C HIS A 504 47.92 21.96 -20.58
N SER A 505 48.52 23.10 -20.91
CA SER A 505 49.13 23.97 -19.90
C SER A 505 48.21 25.06 -19.39
N ASP A 506 46.99 25.19 -19.93
CA ASP A 506 46.05 26.20 -19.48
C ASP A 506 44.86 25.59 -18.75
N THR A 507 45.01 24.37 -18.24
CA THR A 507 43.93 23.74 -17.49
C THR A 507 43.62 24.52 -16.22
N MET A 508 44.65 24.99 -15.52
CA MET A 508 44.42 25.80 -14.33
C MET A 508 43.72 27.11 -14.68
N VAL A 509 44.10 27.73 -15.79
CA VAL A 509 43.44 28.97 -16.22
C VAL A 509 41.97 28.72 -16.52
N PHE A 510 41.67 27.63 -17.22
CA PHE A 510 40.28 27.31 -17.51
C PHE A 510 39.50 27.00 -16.24
N PHE A 511 40.12 26.29 -15.30
CA PHE A 511 39.47 26.02 -14.02
C PHE A 511 39.16 27.32 -13.27
N TYR A 512 40.12 28.24 -13.25
CA TYR A 512 39.90 29.51 -12.57
C TYR A 512 38.80 30.32 -13.25
N LEU A 513 38.76 30.32 -14.58
CA LEU A 513 37.68 31.03 -15.28
C LEU A 513 36.32 30.39 -15.00
N TRP A 514 36.27 29.06 -15.00
CA TRP A 514 35.04 28.35 -14.63
C TRP A 514 34.58 28.73 -13.23
N ILE A 515 35.49 28.67 -12.26
CA ILE A 515 35.11 28.98 -10.88
C ILE A 515 34.71 30.44 -10.77
N VAL A 516 35.36 31.33 -11.53
CA VAL A 516 35.01 32.73 -11.50
C VAL A 516 33.59 32.95 -12.02
N PHE A 517 33.21 32.26 -13.10
CA PHE A 517 31.86 32.42 -13.63
C PHE A 517 30.83 31.73 -12.73
N TYR A 518 31.22 30.62 -12.10
CA TYR A 518 30.57 30.16 -10.89
C TYR A 518 30.66 31.28 -9.84
N ILE A 519 29.92 31.14 -8.76
CA ILE A 519 29.77 32.19 -7.76
C ILE A 519 28.95 33.34 -8.34
N ILE A 520 29.34 33.90 -9.49
CA ILE A 520 28.44 34.87 -10.12
C ILE A 520 27.14 34.21 -10.54
N SER A 521 27.22 33.04 -11.17
CA SER A 521 25.99 32.36 -11.57
C SER A 521 25.11 32.04 -10.36
N SER A 522 25.72 31.47 -9.31
CA SER A 522 24.96 31.10 -8.13
C SER A 522 24.38 32.31 -7.42
N CYS A 523 25.16 33.40 -7.29
CA CYS A 523 24.66 34.58 -6.60
C CYS A 523 23.60 35.29 -7.42
N TYR A 524 23.77 35.33 -8.74
CA TYR A 524 22.75 35.88 -9.61
C TYR A 524 21.42 35.15 -9.41
N THR A 525 21.45 33.82 -9.51
CA THR A 525 20.22 33.05 -9.35
C THR A 525 19.67 33.18 -7.93
N LEU A 526 20.55 33.22 -6.93
CA LEU A 526 20.11 33.27 -5.53
C LEU A 526 19.45 34.60 -5.20
N ILE A 527 20.07 35.71 -5.60
CA ILE A 527 19.47 37.02 -5.37
C ILE A 527 18.18 37.16 -6.15
N TRP A 528 18.13 36.62 -7.36
CA TRP A 528 16.87 36.62 -8.11
C TRP A 528 15.79 35.88 -7.33
N ASP A 529 16.11 34.68 -6.86
CA ASP A 529 15.14 33.88 -6.12
C ASP A 529 14.64 34.61 -4.88
N LEU A 530 15.55 35.21 -4.12
CA LEU A 530 15.17 35.81 -2.85
C LEU A 530 14.57 37.21 -3.00
N LYS A 531 14.71 37.87 -4.14
CA LYS A 531 14.19 39.22 -4.31
C LYS A 531 12.99 39.30 -5.23
N MET A 532 13.04 38.66 -6.40
CA MET A 532 11.98 38.82 -7.39
C MET A 532 11.08 37.60 -7.50
N ASP A 533 11.65 36.39 -7.45
CA ASP A 533 10.83 35.18 -7.47
C ASP A 533 9.94 35.11 -6.24
N TRP A 534 10.53 35.26 -5.07
CA TRP A 534 9.80 35.16 -3.81
C TRP A 534 9.27 36.49 -3.33
N GLY A 535 9.90 37.59 -3.70
CA GLY A 535 9.51 38.90 -3.21
C GLY A 535 10.01 39.22 -1.83
N LEU A 536 10.93 38.44 -1.28
CA LEU A 536 11.42 38.65 0.06
C LEU A 536 12.43 39.80 0.08
N PHE A 537 12.96 40.09 1.28
CA PHE A 537 13.86 41.22 1.50
C PHE A 537 13.23 42.54 1.05
N ASP A 538 11.92 42.66 1.20
CA ASP A 538 11.23 43.85 0.77
C ASP A 538 11.45 44.98 1.77
N LYS A 539 11.58 46.20 1.24
CA LYS A 539 11.84 47.36 2.08
C LYS A 539 10.67 47.64 3.03
N ASN A 540 9.44 47.52 2.54
CA ASN A 540 8.25 47.85 3.31
C ASN A 540 7.77 46.71 4.20
N ALA A 541 8.64 45.75 4.52
CA ALA A 541 8.21 44.62 5.36
C ALA A 541 7.78 45.09 6.74
N GLY A 542 8.54 46.01 7.34
CA GLY A 542 8.21 46.52 8.65
C GLY A 542 8.44 45.51 9.76
N GLU A 543 7.36 44.98 10.33
CA GLU A 543 7.47 44.04 11.44
C GLU A 543 8.21 42.78 11.02
N ASN A 544 7.97 42.31 9.80
CA ASN A 544 8.73 41.17 9.28
C ASN A 544 10.16 41.59 8.98
N THR A 545 11.11 40.76 9.37
CA THR A 545 12.53 41.05 9.18
C THR A 545 13.04 40.27 7.98
N PHE A 546 13.63 41.00 7.02
CA PHE A 546 14.19 40.40 5.81
C PHE A 546 13.16 39.56 5.07
N LEU A 547 11.93 40.06 5.01
CA LEU A 547 10.83 39.32 4.40
C LEU A 547 9.96 40.32 3.61
N ARG A 548 8.76 39.89 3.28
CA ARG A 548 7.79 40.73 2.58
C ARG A 548 6.74 41.24 3.56
N GLU A 549 6.01 42.27 3.11
CA GLU A 549 5.04 42.91 3.99
C GLU A 549 3.81 42.04 4.19
N GLU A 550 3.44 41.23 3.19
CA GLU A 550 2.29 40.34 3.28
C GLU A 550 2.75 38.89 3.16
N ILE A 551 2.26 38.05 4.04
CA ILE A 551 2.56 36.62 4.03
C ILE A 551 1.25 35.85 4.19
N VAL A 552 1.11 34.77 3.41
CA VAL A 552 -0.11 33.98 3.44
C VAL A 552 0.11 32.61 4.09
N TYR A 553 1.35 32.17 4.26
CA TYR A 553 1.59 30.89 4.91
C TYR A 553 1.42 31.03 6.42
N PRO A 554 0.84 30.02 7.08
CA PRO A 554 0.45 30.20 8.49
C PRO A 554 1.60 30.53 9.42
N GLN A 555 2.77 29.96 9.21
CA GLN A 555 3.91 30.12 10.10
C GLN A 555 4.97 30.98 9.43
N LYS A 556 5.45 31.99 10.14
CA LYS A 556 6.46 32.88 9.58
C LYS A 556 7.84 32.24 9.53
N ALA A 557 8.07 31.17 10.31
CA ALA A 557 9.37 30.51 10.29
C ALA A 557 9.63 29.77 8.99
N TYR A 558 8.58 29.49 8.21
CA TYR A 558 8.76 28.81 6.93
C TYR A 558 9.66 29.62 6.00
N TYR A 559 9.39 30.92 5.89
CA TYR A 559 10.21 31.77 5.02
C TYR A 559 11.65 31.82 5.49
N TYR A 560 11.86 31.96 6.81
CA TYR A 560 13.21 32.09 7.33
C TYR A 560 14.02 30.81 7.11
N CYS A 561 13.40 29.65 7.33
CA CYS A 561 14.12 28.41 7.04
C CYS A 561 14.32 28.21 5.54
N ALA A 562 13.34 28.63 4.73
CA ALA A 562 13.45 28.48 3.29
C ALA A 562 14.55 29.34 2.70
N ILE A 563 14.83 30.50 3.30
CA ILE A 563 15.91 31.35 2.80
C ILE A 563 17.25 30.66 2.94
N ILE A 564 17.52 30.11 4.14
CA ILE A 564 18.77 29.38 4.36
C ILE A 564 18.83 28.15 3.47
N GLU A 565 17.70 27.43 3.35
CA GLU A 565 17.66 26.26 2.48
C GLU A 565 17.96 26.63 1.05
N ASP A 566 17.39 27.74 0.57
CA ASP A 566 17.64 28.18 -0.79
C ASP A 566 19.10 28.53 -0.99
N VAL A 567 19.72 29.20 -0.02
CA VAL A 567 21.14 29.55 -0.17
C VAL A 567 21.99 28.28 -0.28
N ILE A 568 21.81 27.36 0.67
CA ILE A 568 22.67 26.18 0.69
C ILE A 568 22.45 25.34 -0.56
N LEU A 569 21.20 25.12 -0.94
CA LEU A 569 20.91 24.31 -2.12
C LEU A 569 21.16 25.05 -3.42
N ARG A 570 21.19 26.38 -3.41
CA ARG A 570 21.55 27.18 -4.57
C ARG A 570 23.03 27.08 -4.88
N PHE A 571 23.86 26.92 -3.86
CA PHE A 571 25.24 26.59 -4.16
C PHE A 571 25.42 25.11 -4.48
N ALA A 572 24.70 24.25 -3.75
CA ALA A 572 24.87 22.81 -3.91
C ALA A 572 24.44 22.34 -5.29
N TRP A 573 23.29 22.82 -5.79
CA TRP A 573 22.78 22.34 -7.07
C TRP A 573 23.74 22.68 -8.21
N THR A 574 24.26 23.90 -8.21
CA THR A 574 25.27 24.27 -9.18
C THR A 574 26.45 23.31 -9.09
N ILE A 575 27.11 23.28 -7.92
CA ILE A 575 28.38 22.54 -7.80
C ILE A 575 28.17 21.06 -8.07
N GLN A 576 26.93 20.58 -7.95
CA GLN A 576 26.73 19.14 -8.12
C GLN A 576 26.34 18.76 -9.54
N ILE A 577 25.39 19.45 -10.17
CA ILE A 577 24.89 19.01 -11.46
C ILE A 577 25.18 19.99 -12.58
N SER A 578 25.28 21.30 -12.30
CA SER A 578 25.62 22.20 -13.40
C SER A 578 27.02 21.92 -13.89
N ILE A 579 27.85 21.34 -13.03
CA ILE A 579 29.16 20.80 -13.38
C ILE A 579 29.18 19.38 -12.84
N THR A 580 30.33 18.71 -12.95
CA THR A 580 30.57 17.40 -12.34
C THR A 580 29.78 16.31 -13.09
N SER A 581 28.95 16.72 -14.03
CA SER A 581 28.28 15.81 -14.94
C SER A 581 28.58 16.15 -16.39
N THR A 582 29.27 17.27 -16.65
CA THR A 582 29.86 17.57 -17.94
C THR A 582 31.38 17.61 -17.89
N THR A 583 31.98 17.51 -16.71
CA THR A 583 33.41 17.32 -16.54
C THR A 583 33.63 16.26 -15.47
N LEU A 584 34.70 15.48 -15.62
CA LEU A 584 35.07 14.47 -14.63
C LEU A 584 36.22 15.00 -13.78
N LEU A 585 35.90 15.96 -12.91
CA LEU A 585 36.90 16.45 -11.97
C LEU A 585 37.04 15.47 -10.80
N PRO A 586 35.95 15.14 -10.06
CA PRO A 586 36.10 14.18 -8.96
C PRO A 586 35.71 12.76 -9.35
N HIS A 587 36.36 11.78 -8.72
CA HIS A 587 35.92 10.39 -8.88
C HIS A 587 34.55 10.17 -8.26
N SER A 588 34.30 10.78 -7.10
CA SER A 588 33.04 10.69 -6.38
C SER A 588 31.98 11.60 -6.96
N GLY A 589 32.22 12.13 -8.16
CA GLY A 589 31.26 13.01 -8.78
C GLY A 589 29.91 12.36 -9.02
N ASP A 590 29.91 11.08 -9.38
CA ASP A 590 28.66 10.37 -9.56
C ASP A 590 27.88 10.30 -8.25
N ILE A 591 28.57 9.99 -7.15
CA ILE A 591 27.89 9.95 -5.84
C ILE A 591 27.33 11.30 -5.48
N ILE A 592 28.12 12.36 -5.68
CA ILE A 592 27.66 13.70 -5.32
C ILE A 592 26.44 14.09 -6.15
N ALA A 593 26.50 13.85 -7.46
CA ALA A 593 25.39 14.20 -8.32
C ALA A 593 24.13 13.41 -7.97
N THR A 594 24.27 12.11 -7.75
CA THR A 594 23.11 11.28 -7.44
C THR A 594 22.52 11.64 -6.10
N VAL A 595 23.35 12.04 -5.13
CA VAL A 595 22.82 12.36 -3.81
C VAL A 595 22.28 13.78 -3.74
N PHE A 596 22.69 14.67 -4.66
CA PHE A 596 22.26 16.06 -4.57
C PHE A 596 21.19 16.45 -5.56
N ALA A 597 20.98 15.69 -6.64
CA ALA A 597 19.87 15.98 -7.54
C ALA A 597 18.51 15.94 -6.85
N PRO A 598 18.21 14.97 -5.97
CA PRO A 598 16.98 15.09 -5.18
C PRO A 598 16.89 16.38 -4.40
N LEU A 599 18.01 16.91 -3.90
CA LEU A 599 17.95 18.23 -3.27
C LEU A 599 17.70 19.34 -4.28
N GLU A 600 18.01 19.12 -5.55
CA GLU A 600 17.67 20.12 -6.56
C GLU A 600 16.16 20.09 -6.81
N VAL A 601 15.54 18.91 -6.79
CA VAL A 601 14.07 18.87 -6.92
C VAL A 601 13.41 19.40 -5.65
N PHE A 602 14.02 19.17 -4.49
CA PHE A 602 13.47 19.72 -3.25
C PHE A 602 13.56 21.24 -3.21
N ARG A 603 14.68 21.80 -3.68
CA ARG A 603 14.82 23.25 -3.74
C ARG A 603 13.81 23.85 -4.70
N ARG A 604 13.58 23.19 -5.84
CA ARG A 604 12.55 23.65 -6.75
C ARG A 604 11.17 23.54 -6.12
N PHE A 605 10.94 22.48 -5.35
CA PHE A 605 9.66 22.29 -4.68
C PHE A 605 9.38 23.42 -3.69
N VAL A 606 10.39 23.80 -2.90
CA VAL A 606 10.19 24.90 -1.96
C VAL A 606 10.12 26.24 -2.69
N TRP A 607 10.88 26.41 -3.76
CA TRP A 607 10.79 27.64 -4.55
C TRP A 607 9.42 27.82 -5.17
N ASN A 608 8.76 26.71 -5.52
CA ASN A 608 7.43 26.78 -6.11
C ASN A 608 6.45 27.43 -5.14
N PHE A 609 6.52 27.06 -3.87
CA PHE A 609 5.61 27.59 -2.87
C PHE A 609 5.64 29.11 -2.87
N PHE A 610 6.83 29.68 -2.73
CA PHE A 610 6.93 31.12 -2.54
C PHE A 610 6.84 31.88 -3.85
N ARG A 611 7.25 31.29 -4.97
CA ARG A 611 7.01 31.96 -6.25
C ARG A 611 5.51 32.07 -6.52
N LEU A 612 4.76 30.98 -6.31
CA LEU A 612 3.32 31.04 -6.53
C LEU A 612 2.65 31.97 -5.53
N GLU A 613 3.12 31.97 -4.28
CA GLU A 613 2.56 32.86 -3.28
C GLU A 613 2.81 34.33 -3.64
N ASN A 614 4.02 34.64 -4.13
CA ASN A 614 4.31 35.99 -4.58
C ASN A 614 3.43 36.36 -5.77
N GLU A 615 3.23 35.41 -6.70
CA GLU A 615 2.37 35.67 -7.85
C GLU A 615 0.95 36.01 -7.41
N HIS A 616 0.43 35.26 -6.42
CA HIS A 616 -0.91 35.55 -5.92
C HIS A 616 -0.96 36.91 -5.22
N LEU A 617 0.04 37.20 -4.38
CA LEU A 617 -0.01 38.42 -3.58
C LEU A 617 0.19 39.66 -4.43
N ASN A 618 1.35 39.80 -5.05
CA ASN A 618 1.67 40.96 -5.88
C ASN A 618 2.25 40.47 -7.19
N ASN A 619 1.57 40.77 -8.29
CA ASN A 619 1.93 40.26 -9.60
C ASN A 619 3.40 40.48 -9.92
N CYS A 620 4.12 39.38 -10.17
CA CYS A 620 5.49 39.42 -10.64
C CYS A 620 5.56 38.93 -12.07
N GLY A 621 6.48 39.51 -12.84
CA GLY A 621 6.58 39.24 -14.26
C GLY A 621 5.46 39.83 -15.09
N GLU A 622 4.43 40.39 -14.46
CA GLU A 622 3.32 41.04 -15.17
C GLU A 622 2.68 40.09 -16.18
N PHE A 623 2.54 38.82 -15.79
CA PHE A 623 1.80 37.88 -16.62
C PHE A 623 0.32 38.27 -16.70
N ARG A 624 -0.25 38.70 -15.58
CA ARG A 624 -1.66 39.03 -15.49
C ARG A 624 -1.90 40.48 -15.85
N ALA A 625 -3.07 40.75 -16.44
CA ALA A 625 -3.43 42.12 -16.79
C ALA A 625 -3.59 42.98 -15.54
N VAL A 626 -4.19 42.44 -14.49
CA VAL A 626 -4.42 43.19 -13.26
C VAL A 626 -3.10 43.45 -12.54
N ALA B 226 -24.73 7.77 9.25
CA ALA B 226 -23.97 7.31 8.09
C ALA B 226 -23.02 8.40 7.59
N GLN B 227 -22.33 9.04 8.53
CA GLN B 227 -21.39 10.09 8.16
C GLN B 227 -20.22 9.49 7.39
N PRO B 228 -19.75 10.16 6.34
CA PRO B 228 -18.63 9.61 5.57
C PRO B 228 -17.36 9.56 6.39
N ALA B 229 -16.55 8.54 6.10
CA ALA B 229 -15.29 8.38 6.80
C ALA B 229 -14.30 9.46 6.35
N PRO B 230 -13.40 9.88 7.24
CA PRO B 230 -12.41 10.90 6.85
C PRO B 230 -11.49 10.39 5.76
N ALA B 231 -11.02 11.32 4.92
CA ALA B 231 -10.12 10.96 3.84
C ALA B 231 -8.83 10.35 4.38
N TRP B 232 -8.41 10.74 5.59
CA TRP B 232 -7.20 10.17 6.15
C TRP B 232 -7.35 8.68 6.43
N THR B 233 -8.52 8.25 6.92
CA THR B 233 -8.69 6.82 7.18
C THR B 233 -8.82 6.02 5.89
N THR B 234 -9.38 6.63 4.83
CA THR B 234 -9.37 5.97 3.54
C THR B 234 -7.94 5.81 3.01
N PHE B 235 -7.12 6.85 3.17
CA PHE B 235 -5.72 6.71 2.80
C PHE B 235 -5.04 5.63 3.63
N ARG B 236 -5.36 5.55 4.92
CA ARG B 236 -4.74 4.56 5.78
C ARG B 236 -5.11 3.15 5.38
N VAL B 237 -6.40 2.91 5.07
CA VAL B 237 -6.80 1.57 4.67
C VAL B 237 -6.19 1.23 3.31
N GLY B 238 -6.10 2.20 2.40
CA GLY B 238 -5.41 1.95 1.15
C GLY B 238 -3.95 1.59 1.36
N LEU B 239 -3.26 2.33 2.23
CA LEU B 239 -1.86 2.05 2.53
C LEU B 239 -1.69 0.65 3.09
N PHE B 240 -2.53 0.29 4.06
CA PHE B 240 -2.41 -1.02 4.69
C PHE B 240 -2.74 -2.13 3.70
N CYS B 241 -3.74 -1.94 2.85
CA CYS B 241 -4.08 -2.95 1.86
C CYS B 241 -2.97 -3.13 0.83
N GLY B 242 -2.35 -2.03 0.40
CA GLY B 242 -1.23 -2.15 -0.53
C GLY B 242 -0.03 -2.83 0.09
N ILE B 243 0.31 -2.46 1.32
CA ILE B 243 1.40 -3.14 2.02
C ILE B 243 1.08 -4.62 2.19
N PHE B 244 -0.18 -4.94 2.47
CA PHE B 244 -0.59 -6.33 2.60
C PHE B 244 -0.44 -7.08 1.29
N ILE B 245 -0.83 -6.46 0.17
CA ILE B 245 -0.71 -7.11 -1.12
C ILE B 245 0.75 -7.41 -1.46
N VAL B 246 1.61 -6.40 -1.28
CA VAL B 246 3.02 -6.60 -1.62
C VAL B 246 3.66 -7.62 -0.69
N LEU B 247 3.35 -7.55 0.62
CA LEU B 247 3.92 -8.51 1.55
C LEU B 247 3.42 -9.92 1.25
N ASN B 248 2.16 -10.05 0.81
CA ASN B 248 1.63 -11.36 0.46
C ASN B 248 2.31 -11.93 -0.77
N ILE B 249 2.54 -11.09 -1.79
CA ILE B 249 3.25 -11.57 -2.97
C ILE B 249 4.68 -11.97 -2.61
N THR B 250 5.34 -11.16 -1.77
CA THR B 250 6.68 -11.50 -1.31
C THR B 250 6.68 -12.81 -0.52
N LEU B 251 5.66 -13.01 0.31
CA LEU B 251 5.57 -14.23 1.12
C LEU B 251 5.37 -15.45 0.23
N VAL B 252 4.50 -15.35 -0.78
CA VAL B 252 4.29 -16.46 -1.70
C VAL B 252 5.58 -16.77 -2.45
N LEU B 253 6.26 -15.73 -2.95
CA LEU B 253 7.50 -15.95 -3.69
C LEU B 253 8.58 -16.55 -2.81
N ALA B 254 8.70 -16.08 -1.57
CA ALA B 254 9.67 -16.65 -0.65
C ALA B 254 9.35 -18.11 -0.36
N ALA B 255 8.07 -18.43 -0.17
CA ALA B 255 7.68 -19.81 0.08
C ALA B 255 8.03 -20.72 -1.08
N VAL B 256 7.76 -20.29 -2.31
CA VAL B 256 8.04 -21.17 -3.44
C VAL B 256 9.53 -21.26 -3.73
N PHE B 257 10.27 -20.14 -3.61
CA PHE B 257 11.67 -20.11 -4.01
C PHE B 257 12.62 -20.44 -2.86
N LYS B 258 12.63 -19.62 -1.81
CA LYS B 258 13.59 -19.75 -0.72
C LYS B 258 12.97 -20.64 0.35
N LEU B 259 13.18 -21.94 0.22
CA LEU B 259 12.75 -22.90 1.23
C LEU B 259 13.54 -24.19 1.03
N GLU B 260 13.58 -24.99 2.09
CA GLU B 260 14.29 -26.26 2.10
C GLU B 260 13.34 -27.36 2.53
N THR B 261 13.32 -28.46 1.78
CA THR B 261 12.35 -29.54 1.95
C THR B 261 12.91 -30.70 2.76
N ASP B 262 13.28 -30.46 4.02
CA ASP B 262 13.73 -31.52 4.91
C ASP B 262 12.97 -31.56 6.23
N ARG B 263 12.23 -30.52 6.57
CA ARG B 263 11.45 -30.46 7.80
C ARG B 263 10.00 -30.15 7.44
N SER B 264 9.10 -30.53 8.34
CA SER B 264 7.68 -30.35 8.10
C SER B 264 7.30 -28.88 8.31
N ILE B 265 6.69 -28.28 7.27
CA ILE B 265 6.17 -26.92 7.38
C ILE B 265 4.81 -26.88 8.06
N TRP B 266 4.22 -28.04 8.36
CA TRP B 266 2.86 -28.07 8.89
C TRP B 266 2.70 -27.36 10.24
N PRO B 267 3.61 -27.47 11.21
CA PRO B 267 3.43 -26.69 12.44
C PRO B 267 3.28 -25.20 12.18
N LEU B 268 4.07 -24.63 11.27
CA LEU B 268 3.95 -23.21 10.96
C LEU B 268 2.59 -22.89 10.36
N ILE B 269 2.11 -23.74 9.44
CA ILE B 269 0.80 -23.54 8.83
C ILE B 269 -0.29 -23.57 9.88
N ARG B 270 -0.21 -24.53 10.81
CA ARG B 270 -1.23 -24.64 11.84
C ARG B 270 -1.18 -23.49 12.82
N ILE B 271 0.01 -22.94 13.07
CA ILE B 271 0.11 -21.78 13.96
C ILE B 271 -0.50 -20.54 13.30
N TYR B 272 -0.19 -20.32 12.02
CA TYR B 272 -0.58 -19.08 11.36
C TYR B 272 -1.96 -19.13 10.71
N ARG B 273 -2.58 -20.31 10.63
CA ARG B 273 -3.90 -20.40 10.02
C ARG B 273 -4.94 -19.64 10.83
N GLY B 274 -4.84 -19.70 12.16
CA GLY B 274 -5.77 -18.95 12.99
C GLY B 274 -5.66 -17.45 12.76
N GLY B 275 -4.45 -16.93 12.71
CA GLY B 275 -4.26 -15.52 12.42
C GLY B 275 -4.80 -15.13 11.06
N PHE B 276 -4.52 -15.95 10.04
CA PHE B 276 -5.02 -15.64 8.71
C PHE B 276 -6.54 -15.65 8.68
N LEU B 277 -7.16 -16.62 9.36
CA LEU B 277 -8.62 -16.67 9.40
C LEU B 277 -9.19 -15.47 10.12
N LEU B 278 -8.53 -15.00 11.18
CA LEU B 278 -9.00 -13.79 11.85
C LEU B 278 -8.91 -12.58 10.93
N ILE B 279 -7.81 -12.45 10.18
CA ILE B 279 -7.68 -11.34 9.25
C ILE B 279 -8.78 -11.39 8.20
N GLU B 280 -9.01 -12.58 7.64
CA GLU B 280 -10.04 -12.72 6.62
C GLU B 280 -11.42 -12.43 7.20
N PHE B 281 -11.68 -12.86 8.43
CA PHE B 281 -12.97 -12.58 9.05
C PHE B 281 -13.18 -11.10 9.24
N LEU B 282 -12.15 -10.38 9.69
CA LEU B 282 -12.29 -8.93 9.88
C LEU B 282 -12.52 -8.22 8.55
N PHE B 283 -11.79 -8.63 7.50
CA PHE B 283 -11.96 -8.01 6.19
C PHE B 283 -13.36 -8.28 5.63
N LEU B 284 -13.81 -9.53 5.71
CA LEU B 284 -15.15 -9.87 5.24
C LEU B 284 -16.22 -9.22 6.09
N LEU B 285 -15.94 -8.97 7.38
CA LEU B 285 -16.89 -8.26 8.22
C LEU B 285 -16.97 -6.78 7.84
N GLY B 286 -15.85 -6.18 7.42
CA GLY B 286 -15.92 -4.85 6.83
C GLY B 286 -16.77 -4.83 5.58
N ILE B 287 -16.60 -5.85 4.72
CA ILE B 287 -17.45 -5.96 3.54
C ILE B 287 -18.92 -6.08 3.96
N ASN B 288 -19.19 -6.87 5.00
CA ASN B 288 -20.55 -7.04 5.49
C ASN B 288 -21.14 -5.72 5.98
N THR B 289 -20.33 -4.94 6.72
CA THR B 289 -20.82 -3.66 7.21
C THR B 289 -21.14 -2.71 6.05
N TYR B 290 -20.29 -2.69 5.03
CA TYR B 290 -20.58 -1.87 3.85
C TYR B 290 -21.86 -2.32 3.18
N GLY B 291 -22.04 -3.63 3.04
CA GLY B 291 -23.25 -4.14 2.42
C GLY B 291 -24.50 -3.82 3.22
N TRP B 292 -24.40 -3.92 4.55
CA TRP B 292 -25.53 -3.56 5.40
C TRP B 292 -25.87 -2.09 5.27
N ARG B 293 -24.85 -1.22 5.25
CA ARG B 293 -25.11 0.20 5.17
C ARG B 293 -25.76 0.58 3.83
N GLN B 294 -25.26 0.02 2.73
CA GLN B 294 -25.78 0.41 1.43
C GLN B 294 -27.12 -0.25 1.14
N ALA B 295 -27.31 -1.50 1.57
CA ALA B 295 -28.55 -2.21 1.26
C ALA B 295 -29.75 -1.59 1.95
N GLY B 296 -29.59 -1.19 3.21
CA GLY B 296 -30.70 -0.61 3.95
C GLY B 296 -30.92 -1.24 5.31
N VAL B 297 -30.42 -2.47 5.48
CA VAL B 297 -30.53 -3.14 6.78
C VAL B 297 -29.75 -2.35 7.82
N ASN B 298 -30.43 -1.99 8.91
CA ASN B 298 -29.85 -1.15 9.95
C ASN B 298 -29.21 -2.05 10.99
N HIS B 299 -27.90 -2.28 10.84
CA HIS B 299 -27.19 -3.11 11.81
C HIS B 299 -26.94 -2.39 13.12
N VAL B 300 -26.96 -1.05 13.12
CA VAL B 300 -26.72 -0.31 14.35
C VAL B 300 -27.87 -0.53 15.33
N LEU B 301 -29.11 -0.40 14.85
CA LEU B 301 -30.26 -0.65 15.72
C LEU B 301 -30.33 -2.12 16.13
N ILE B 302 -30.06 -3.03 15.20
CA ILE B 302 -30.15 -4.46 15.50
C ILE B 302 -29.13 -4.84 16.56
N PHE B 303 -27.88 -4.38 16.39
CA PHE B 303 -26.83 -4.66 17.36
C PHE B 303 -26.98 -3.86 18.65
N GLU B 304 -27.88 -2.88 18.69
CA GLU B 304 -28.05 -1.98 19.84
C GLU B 304 -26.76 -1.23 20.13
N LEU B 305 -26.31 -0.46 19.14
CA LEU B 305 -25.09 0.33 19.25
C LEU B 305 -25.42 1.82 19.29
N ASN B 306 -24.52 2.59 19.88
CA ASN B 306 -24.67 4.04 19.88
C ASN B 306 -24.39 4.57 18.48
N PRO B 307 -25.34 5.29 17.86
CA PRO B 307 -25.13 5.73 16.47
C PRO B 307 -23.97 6.70 16.29
N ARG B 308 -23.50 7.33 17.37
CA ARG B 308 -22.44 8.34 17.22
C ARG B 308 -21.10 7.68 16.90
N SER B 309 -20.75 6.61 17.61
CA SER B 309 -19.43 6.01 17.52
C SER B 309 -19.44 4.66 16.82
N ASN B 310 -20.45 4.36 16.02
CA ASN B 310 -20.49 3.10 15.29
C ASN B 310 -19.37 3.06 14.25
N LEU B 311 -18.79 1.87 14.08
CA LEU B 311 -17.67 1.69 13.17
C LEU B 311 -18.16 1.55 11.74
N SER B 312 -17.68 2.41 10.86
CA SER B 312 -17.92 2.23 9.44
C SER B 312 -17.03 1.10 8.91
N HIS B 313 -17.34 0.67 7.67
CA HIS B 313 -16.54 -0.40 7.09
C HIS B 313 -15.09 0.00 6.86
N GLN B 314 -14.82 1.30 6.77
CA GLN B 314 -13.43 1.75 6.60
C GLN B 314 -12.58 1.35 7.80
N HIS B 315 -13.13 1.50 9.01
CA HIS B 315 -12.36 1.17 10.21
C HIS B 315 -12.10 -0.33 10.31
N LEU B 316 -13.10 -1.15 9.99
CA LEU B 316 -12.89 -2.59 10.00
C LEU B 316 -11.87 -3.00 8.94
N PHE B 317 -11.94 -2.39 7.75
CA PHE B 317 -10.96 -2.66 6.72
C PHE B 317 -9.56 -2.28 7.19
N GLU B 318 -9.44 -1.14 7.86
CA GLU B 318 -8.13 -0.68 8.33
C GLU B 318 -7.57 -1.58 9.41
N ILE B 319 -8.42 -2.02 10.35
CA ILE B 319 -7.97 -2.94 11.39
C ILE B 319 -7.51 -4.25 10.78
N ALA B 320 -8.30 -4.78 9.84
CA ALA B 320 -7.93 -6.02 9.17
C ALA B 320 -6.62 -5.84 8.41
N GLY B 321 -6.44 -4.72 7.73
CA GLY B 321 -5.21 -4.49 6.99
C GLY B 321 -4.00 -4.39 7.89
N PHE B 322 -4.13 -3.67 9.02
CA PHE B 322 -3.00 -3.54 9.93
C PHE B 322 -2.61 -4.87 10.55
N LEU B 323 -3.61 -5.64 11.00
CA LEU B 323 -3.29 -6.95 11.57
C LEU B 323 -2.76 -7.90 10.50
N GLY B 324 -3.20 -7.73 9.24
CA GLY B 324 -2.61 -8.49 8.15
C GLY B 324 -1.17 -8.10 7.89
N ILE B 325 -0.84 -6.81 8.04
CA ILE B 325 0.54 -6.37 7.94
C ILE B 325 1.39 -7.10 8.97
N LEU B 326 0.90 -7.12 10.21
CA LEU B 326 1.65 -7.79 11.28
C LEU B 326 1.76 -9.28 11.03
N TRP B 327 0.69 -9.91 10.57
CA TRP B 327 0.73 -11.34 10.27
C TRP B 327 1.72 -11.65 9.16
N CYS B 328 1.72 -10.84 8.10
CA CYS B 328 2.65 -11.06 7.00
C CYS B 328 4.08 -10.85 7.44
N LEU B 329 4.32 -9.83 8.28
CA LEU B 329 5.67 -9.60 8.77
C LEU B 329 6.15 -10.75 9.65
N SER B 330 5.28 -11.28 10.51
CA SER B 330 5.65 -12.40 11.35
C SER B 330 5.93 -13.65 10.51
N LEU B 331 5.10 -13.92 9.51
CA LEU B 331 5.34 -15.06 8.64
C LEU B 331 6.64 -14.90 7.86
N LEU B 332 6.92 -13.69 7.37
CA LEU B 332 8.18 -13.45 6.66
C LEU B 332 9.37 -13.67 7.57
N ALA B 333 9.29 -13.19 8.81
CA ALA B 333 10.38 -13.41 9.76
C ALA B 333 10.54 -14.90 10.07
N CYS B 334 9.44 -15.64 10.06
CA CYS B 334 9.52 -17.08 10.25
C CYS B 334 10.22 -17.75 9.06
N PHE B 335 9.92 -17.29 7.85
CA PHE B 335 10.51 -17.92 6.66
C PHE B 335 12.02 -17.78 6.65
N PHE B 336 12.53 -16.55 6.80
CA PHE B 336 13.95 -16.30 6.99
C PHE B 336 14.13 -15.44 8.23
N ALA B 337 15.08 -15.81 9.08
CA ALA B 337 15.30 -15.11 10.33
C ALA B 337 16.18 -13.88 10.10
N PRO B 338 15.61 -12.67 10.12
CA PRO B 338 16.43 -11.48 9.93
C PRO B 338 17.50 -11.31 10.98
N ILE B 339 17.20 -11.68 12.22
CA ILE B 339 18.13 -11.58 13.33
C ILE B 339 18.44 -12.99 13.81
N SER B 340 19.70 -13.40 13.72
CA SER B 340 20.09 -14.73 14.13
C SER B 340 20.00 -14.92 15.64
N VAL B 341 20.05 -13.84 16.41
CA VAL B 341 20.00 -13.96 17.87
C VAL B 341 18.62 -14.41 18.32
N ILE B 342 17.57 -13.81 17.77
CA ILE B 342 16.20 -14.13 18.18
C ILE B 342 15.75 -15.43 17.51
N PRO B 343 15.28 -16.41 18.28
CA PRO B 343 14.84 -17.67 17.68
C PRO B 343 13.59 -17.49 16.84
N THR B 344 13.44 -18.39 15.86
CA THR B 344 12.36 -18.26 14.89
C THR B 344 10.99 -18.54 15.49
N TYR B 345 10.91 -19.30 16.58
CA TYR B 345 9.62 -19.56 17.21
C TYR B 345 9.10 -18.36 17.99
N VAL B 346 9.91 -17.31 18.15
CA VAL B 346 9.46 -16.13 18.87
C VAL B 346 8.42 -15.37 18.05
N TYR B 347 8.55 -15.41 16.74
CA TYR B 347 7.64 -14.64 15.89
C TYR B 347 6.16 -15.01 16.01
N PRO B 348 5.82 -16.32 15.96
CA PRO B 348 4.39 -16.61 16.10
C PRO B 348 3.88 -16.13 17.42
N LEU B 349 4.69 -16.22 18.46
CA LEU B 349 4.22 -15.86 19.78
C LEU B 349 4.08 -14.35 19.93
N ALA B 350 5.02 -13.60 19.35
CA ALA B 350 4.95 -12.13 19.39
C ALA B 350 3.73 -11.62 18.63
N LEU B 351 3.41 -12.25 17.49
CA LEU B 351 2.26 -11.79 16.72
C LEU B 351 0.97 -11.90 17.52
N TYR B 352 0.73 -13.07 18.10
CA TYR B 352 -0.52 -13.26 18.84
C TYR B 352 -0.49 -12.55 20.18
N GLY B 353 0.68 -12.38 20.79
CA GLY B 353 0.76 -11.56 21.98
C GLY B 353 0.42 -10.11 21.69
N PHE B 354 0.89 -9.57 20.57
CA PHE B 354 0.52 -8.22 20.20
C PHE B 354 -0.96 -8.14 19.90
N MET B 355 -1.52 -9.17 19.24
CA MET B 355 -2.95 -9.17 18.96
C MET B 355 -3.76 -9.11 20.26
N VAL B 356 -3.37 -9.93 21.25
CA VAL B 356 -4.07 -9.93 22.52
C VAL B 356 -3.92 -8.59 23.23
N PHE B 357 -2.69 -8.05 23.26
CA PHE B 357 -2.46 -6.77 23.93
C PHE B 357 -3.22 -5.64 23.25
N PHE B 358 -3.26 -5.66 21.92
CA PHE B 358 -4.04 -4.68 21.17
C PHE B 358 -5.52 -4.81 21.49
N LEU B 359 -6.01 -6.03 21.64
CA LEU B 359 -7.42 -6.22 22.00
C LEU B 359 -7.67 -5.81 23.45
N ILE B 360 -6.71 -6.05 24.34
CA ILE B 360 -6.89 -5.79 25.76
C ILE B 360 -6.24 -4.47 26.19
N ASN B 361 -5.88 -3.63 25.24
CA ASN B 361 -5.21 -2.37 25.55
C ASN B 361 -6.11 -1.48 26.40
N PRO B 362 -5.67 -1.08 27.60
CA PRO B 362 -6.52 -0.23 28.45
C PRO B 362 -6.52 1.23 28.05
N THR B 363 -5.39 1.71 27.54
CA THR B 363 -5.26 3.12 27.18
C THR B 363 -6.18 3.46 26.02
N LYS B 364 -6.95 4.54 26.16
CA LYS B 364 -7.95 4.93 25.17
C LYS B 364 -7.26 5.56 23.96
N THR B 365 -6.55 4.72 23.21
CA THR B 365 -5.77 5.18 22.07
C THR B 365 -6.29 4.64 20.74
N PHE B 366 -6.40 3.32 20.59
CA PHE B 366 -6.74 2.68 19.31
C PHE B 366 -8.12 2.04 19.43
N TYR B 367 -9.13 2.70 18.87
CA TYR B 367 -10.48 2.15 18.78
C TYR B 367 -11.02 1.76 20.15
N TYR B 368 -10.83 2.64 21.12
CA TYR B 368 -11.10 2.26 22.51
C TYR B 368 -12.58 1.93 22.73
N LYS B 369 -13.48 2.72 22.15
CA LYS B 369 -14.90 2.45 22.35
C LYS B 369 -15.30 1.09 21.79
N SER B 370 -14.97 0.85 20.51
CA SER B 370 -15.32 -0.41 19.88
C SER B 370 -14.59 -1.57 20.52
N ARG B 371 -13.33 -1.38 20.89
CA ARG B 371 -12.56 -2.44 21.54
C ARG B 371 -13.17 -2.83 22.87
N PHE B 372 -13.55 -1.85 23.68
CA PHE B 372 -14.15 -2.14 24.98
C PHE B 372 -15.52 -2.78 24.82
N TRP B 373 -16.29 -2.33 23.83
CA TRP B 373 -17.57 -2.99 23.55
C TRP B 373 -17.38 -4.45 23.15
N LEU B 374 -16.38 -4.72 22.32
CA LEU B 374 -16.10 -6.10 21.93
C LEU B 374 -15.62 -6.91 23.11
N LEU B 375 -14.86 -6.30 24.03
CA LEU B 375 -14.45 -7.02 25.24
C LEU B 375 -15.64 -7.38 26.10
N LYS B 376 -16.57 -6.44 26.29
CA LYS B 376 -17.78 -6.76 27.04
C LYS B 376 -18.57 -7.87 26.37
N LEU B 377 -18.67 -7.82 25.04
CA LEU B 377 -19.42 -8.86 24.32
C LEU B 377 -18.75 -10.22 24.45
N LEU B 378 -17.42 -10.27 24.34
CA LEU B 378 -16.72 -11.54 24.50
C LEU B 378 -16.88 -12.09 25.91
N PHE B 379 -16.83 -11.21 26.92
CA PHE B 379 -17.07 -11.65 28.29
C PHE B 379 -18.47 -12.22 28.45
N ARG B 380 -19.47 -11.55 27.85
CA ARG B 380 -20.84 -12.02 27.97
C ARG B 380 -21.03 -13.35 27.23
N VAL B 381 -20.33 -13.53 26.11
CA VAL B 381 -20.53 -14.73 25.31
C VAL B 381 -19.79 -15.92 25.91
N PHE B 382 -18.69 -15.68 26.64
CA PHE B 382 -18.00 -16.78 27.30
C PHE B 382 -18.56 -17.09 28.68
N THR B 383 -19.54 -16.32 29.13
CA THR B 383 -20.27 -16.58 30.37
C THR B 383 -21.75 -16.63 30.04
N ALA B 384 -22.09 -17.42 29.02
CA ALA B 384 -23.38 -17.32 28.36
C ALA B 384 -24.58 -17.53 29.27
N PRO B 385 -24.66 -18.59 30.09
CA PRO B 385 -25.93 -18.85 30.80
C PRO B 385 -26.35 -17.74 31.73
N PHE B 386 -25.42 -17.02 32.34
CA PHE B 386 -25.72 -16.08 33.41
C PHE B 386 -26.15 -14.70 32.93
N HIS B 387 -26.15 -14.46 31.62
CA HIS B 387 -26.44 -13.13 31.08
C HIS B 387 -27.64 -13.20 30.14
N LYS B 388 -28.53 -12.22 30.26
CA LYS B 388 -29.63 -12.08 29.32
C LYS B 388 -29.05 -11.85 27.92
N VAL B 389 -29.58 -12.58 26.95
CA VAL B 389 -29.02 -12.57 25.61
C VAL B 389 -29.54 -11.36 24.83
N GLY B 390 -28.67 -10.80 24.00
CA GLY B 390 -29.07 -9.83 22.99
C GLY B 390 -28.69 -10.35 21.63
N PHE B 391 -28.98 -9.53 20.61
CA PHE B 391 -28.59 -9.92 19.27
C PHE B 391 -27.07 -9.96 19.12
N ALA B 392 -26.37 -9.05 19.80
CA ALA B 392 -24.92 -9.02 19.70
C ALA B 392 -24.31 -10.31 20.25
N ASP B 393 -24.83 -10.78 21.38
CA ASP B 393 -24.29 -12.01 21.99
C ASP B 393 -24.52 -13.22 21.09
N PHE B 394 -25.75 -13.39 20.61
CA PHE B 394 -26.07 -14.47 19.69
C PHE B 394 -25.21 -14.39 18.43
N TRP B 395 -25.07 -13.19 17.87
CA TRP B 395 -24.33 -13.01 16.64
C TRP B 395 -22.87 -13.38 16.82
N LEU B 396 -22.25 -12.88 17.89
CA LEU B 396 -20.84 -13.21 18.14
C LEU B 396 -20.66 -14.68 18.45
N ALA B 397 -21.62 -15.31 19.14
CA ALA B 397 -21.53 -16.75 19.37
C ALA B 397 -21.57 -17.52 18.06
N ASP B 398 -22.43 -17.11 17.13
CA ASP B 398 -22.45 -17.75 15.82
C ASP B 398 -21.13 -17.55 15.08
N GLN B 399 -20.57 -16.34 15.15
CA GLN B 399 -19.27 -16.10 14.52
C GLN B 399 -18.20 -17.01 15.11
N LEU B 400 -18.22 -17.19 16.43
CA LEU B 400 -17.30 -18.12 17.06
C LEU B 400 -17.54 -19.55 16.57
N ASN B 401 -18.82 -19.90 16.36
CA ASN B 401 -19.14 -21.22 15.85
C ASN B 401 -18.52 -21.44 14.47
N SER B 402 -18.49 -20.39 13.65
CA SER B 402 -17.81 -20.50 12.37
C SER B 402 -16.31 -20.31 12.47
N LEU B 403 -15.81 -19.80 13.60
CA LEU B 403 -14.38 -19.58 13.81
C LEU B 403 -13.79 -20.57 14.79
N SER B 404 -14.29 -21.80 14.81
CA SER B 404 -13.72 -22.83 15.68
C SER B 404 -12.28 -23.14 15.31
N VAL B 405 -11.89 -22.90 14.06
CA VAL B 405 -10.54 -23.20 13.63
C VAL B 405 -9.54 -22.35 14.40
N ILE B 406 -9.91 -21.11 14.71
CA ILE B 406 -9.02 -20.23 15.46
C ILE B 406 -8.77 -20.79 16.86
N LEU B 407 -9.84 -21.23 17.52
CA LEU B 407 -9.69 -21.81 18.86
C LEU B 407 -8.85 -23.08 18.83
N MET B 408 -9.09 -23.93 17.82
CA MET B 408 -8.31 -25.15 17.70
C MET B 408 -6.84 -24.84 17.45
N ASP B 409 -6.57 -23.82 16.63
CA ASP B 409 -5.19 -23.44 16.35
C ASP B 409 -4.52 -22.85 17.58
N LEU B 410 -5.27 -22.10 18.39
CA LEU B 410 -4.72 -21.59 19.65
C LEU B 410 -4.37 -22.74 20.58
N GLU B 411 -5.25 -23.74 20.69
CA GLU B 411 -4.95 -24.90 21.52
C GLU B 411 -3.74 -25.64 20.99
N TYR B 412 -3.63 -25.78 19.67
CA TYR B 412 -2.46 -26.46 19.09
C TYR B 412 -1.20 -25.67 19.38
N MET B 413 -1.26 -24.34 19.30
CA MET B 413 -0.11 -23.51 19.64
C MET B 413 0.32 -23.74 21.08
N ILE B 414 -0.64 -23.74 22.01
CA ILE B 414 -0.30 -23.91 23.42
C ILE B 414 0.33 -25.28 23.66
N CYS B 415 -0.29 -26.33 23.11
CA CYS B 415 0.25 -27.67 23.31
C CYS B 415 1.63 -27.82 22.68
N PHE B 416 1.80 -27.30 21.46
CA PHE B 416 3.06 -27.41 20.76
C PHE B 416 4.18 -26.71 21.51
N TYR B 417 3.91 -25.50 22.01
CA TYR B 417 4.93 -24.78 22.75
C TYR B 417 5.21 -25.41 24.11
N SER B 418 4.20 -26.05 24.71
CA SER B 418 4.42 -26.67 26.01
C SER B 418 5.19 -27.98 25.91
N LEU B 419 4.96 -28.78 24.86
CA LEU B 419 5.59 -30.09 24.74
C LEU B 419 6.58 -30.19 23.60
N GLU B 420 6.16 -29.93 22.36
CA GLU B 420 6.91 -30.34 21.19
C GLU B 420 7.72 -29.21 20.56
N LEU B 421 7.74 -28.01 21.17
CA LEU B 421 8.39 -26.87 20.53
C LEU B 421 9.90 -27.08 20.40
N LYS B 422 10.53 -27.79 21.33
CA LYS B 422 11.98 -27.95 21.37
C LYS B 422 12.66 -26.58 21.47
N TRP B 423 12.45 -25.95 22.64
CA TRP B 423 12.96 -24.61 22.90
C TRP B 423 14.45 -24.50 22.59
N ASP B 424 15.23 -25.54 22.93
CA ASP B 424 16.67 -25.49 22.73
C ASP B 424 17.02 -25.41 21.25
N GLU B 425 16.27 -26.12 20.40
CA GLU B 425 16.57 -26.14 18.97
C GLU B 425 16.37 -24.75 18.36
N SER B 426 17.29 -24.38 17.46
CA SER B 426 17.18 -23.08 16.81
C SER B 426 16.05 -23.05 15.79
N LYS B 427 15.66 -24.21 15.26
CA LYS B 427 14.54 -24.35 14.33
C LYS B 427 13.57 -25.41 14.85
N GLY B 428 13.21 -25.29 16.13
CA GLY B 428 12.39 -26.30 16.76
C GLY B 428 11.00 -26.42 16.14
N LEU B 429 10.40 -25.29 15.79
CA LEU B 429 9.04 -25.31 15.26
C LEU B 429 8.95 -25.92 13.87
N LEU B 430 10.07 -26.32 13.28
CA LEU B 430 10.09 -27.05 12.01
C LEU B 430 10.93 -28.31 12.19
N PRO B 431 10.38 -29.32 12.84
CA PRO B 431 11.17 -30.53 13.15
C PRO B 431 11.47 -31.36 11.90
N ASN B 432 12.59 -32.08 11.96
CA ASN B 432 13.03 -32.90 10.84
C ASN B 432 12.16 -34.12 10.65
N ASN B 433 11.68 -34.72 11.73
CA ASN B 433 11.00 -36.02 11.68
C ASN B 433 9.74 -35.91 10.84
N SER B 434 9.72 -36.62 9.70
CA SER B 434 8.52 -36.66 8.87
C SER B 434 7.36 -37.31 9.60
N GLU B 435 7.64 -38.38 10.35
CA GLU B 435 6.60 -39.03 11.14
C GLU B 435 6.18 -38.12 12.28
N GLU B 436 4.90 -37.76 12.31
CA GLU B 436 4.36 -36.85 13.31
C GLU B 436 4.00 -37.64 14.57
N SER B 437 5.03 -38.06 15.29
CA SER B 437 4.85 -38.84 16.51
C SER B 437 4.38 -37.99 17.67
N GLY B 438 4.52 -36.66 17.60
CA GLY B 438 4.05 -35.82 18.68
C GLY B 438 2.55 -35.91 18.87
N ILE B 439 2.13 -35.92 20.13
CA ILE B 439 0.72 -36.08 20.46
C ILE B 439 -0.09 -34.81 20.27
N CYS B 440 0.55 -33.72 19.81
CA CYS B 440 -0.17 -32.47 19.63
C CYS B 440 -1.14 -32.55 18.46
N HIS B 441 -0.68 -33.06 17.32
CA HIS B 441 -1.60 -33.33 16.22
C HIS B 441 -2.50 -34.53 16.52
N LYS B 442 -2.14 -35.33 17.52
CA LYS B 442 -2.96 -36.45 17.94
C LYS B 442 -3.95 -35.99 19.02
N TYR B 443 -4.78 -36.92 19.49
CA TYR B 443 -5.92 -36.60 20.34
C TYR B 443 -6.02 -37.61 21.49
N THR B 444 -4.87 -37.97 22.07
CA THR B 444 -4.87 -38.95 23.15
C THR B 444 -5.61 -38.42 24.38
N TYR B 445 -5.33 -37.17 24.77
CA TYR B 445 -5.99 -36.60 25.93
C TYR B 445 -7.47 -36.32 25.66
N GLY B 446 -7.81 -35.96 24.43
CA GLY B 446 -9.18 -35.62 24.10
C GLY B 446 -9.57 -34.19 24.39
N VAL B 447 -8.62 -33.35 24.82
CA VAL B 447 -8.92 -31.94 25.06
C VAL B 447 -9.21 -31.22 23.75
N ARG B 448 -8.71 -31.77 22.62
CA ARG B 448 -8.94 -31.14 21.33
C ARG B 448 -10.43 -31.11 21.00
N ALA B 449 -11.16 -32.15 21.38
CA ALA B 449 -12.61 -32.14 21.20
C ALA B 449 -13.26 -31.03 22.02
N ILE B 450 -12.80 -30.83 23.26
CA ILE B 450 -13.33 -29.74 24.09
C ILE B 450 -13.10 -28.39 23.41
N VAL B 451 -11.86 -28.14 22.98
CA VAL B 451 -11.54 -26.83 22.42
C VAL B 451 -12.21 -26.63 21.07
N GLN B 452 -12.54 -27.71 20.37
CA GLN B 452 -13.28 -27.59 19.13
C GLN B 452 -14.77 -27.45 19.39
N CYS B 453 -15.24 -27.89 20.55
CA CYS B 453 -16.65 -27.98 20.83
C CYS B 453 -17.22 -26.81 21.63
N ILE B 454 -16.38 -25.99 22.27
CA ILE B 454 -16.92 -24.77 22.91
C ILE B 454 -17.74 -23.91 21.95
N PRO B 455 -17.31 -23.67 20.70
CA PRO B 455 -18.11 -22.76 19.85
C PRO B 455 -19.54 -23.18 19.65
N ALA B 456 -19.84 -24.48 19.68
CA ALA B 456 -21.23 -24.93 19.62
C ALA B 456 -21.85 -25.02 21.00
N TRP B 457 -21.04 -25.31 22.03
CA TRP B 457 -21.55 -25.39 23.39
C TRP B 457 -22.09 -24.05 23.86
N LEU B 458 -21.40 -22.97 23.51
CA LEU B 458 -21.87 -21.63 23.90
C LEU B 458 -23.24 -21.33 23.30
N ARG B 459 -23.43 -21.66 22.03
CA ARG B 459 -24.73 -21.42 21.40
C ARG B 459 -25.80 -22.34 21.98
N PHE B 460 -25.44 -23.58 22.30
CA PHE B 460 -26.41 -24.48 22.93
C PHE B 460 -26.88 -23.93 24.27
N ILE B 461 -25.94 -23.45 25.08
CA ILE B 461 -26.29 -22.91 26.40
C ILE B 461 -27.07 -21.60 26.24
N GLN B 462 -26.72 -20.78 25.26
CA GLN B 462 -27.48 -19.55 25.03
C GLN B 462 -28.91 -19.86 24.61
N CYS B 463 -29.10 -20.86 23.75
CA CYS B 463 -30.45 -21.24 23.35
C CYS B 463 -31.24 -21.78 24.54
N LEU B 464 -30.60 -22.59 25.38
CA LEU B 464 -31.28 -23.08 26.59
C LEU B 464 -31.66 -21.93 27.51
N ARG B 465 -30.77 -20.94 27.67
CA ARG B 465 -31.08 -19.78 28.50
C ARG B 465 -32.22 -18.97 27.89
N ARG B 466 -32.23 -18.84 26.57
CA ARG B 466 -33.32 -18.13 25.91
C ARG B 466 -34.65 -18.83 26.18
N TYR B 467 -34.69 -20.15 26.06
CA TYR B 467 -35.92 -20.88 26.37
C TYR B 467 -36.32 -20.69 27.83
N ARG B 468 -35.35 -20.79 28.74
CA ARG B 468 -35.64 -20.63 30.16
C ARG B 468 -36.20 -19.23 30.44
N ASP B 469 -35.73 -18.23 29.71
CA ASP B 469 -36.22 -16.86 29.92
C ASP B 469 -37.60 -16.65 29.31
N THR B 470 -37.88 -17.27 28.16
CA THR B 470 -39.13 -17.03 27.47
C THR B 470 -40.14 -18.15 27.63
N LYS B 471 -39.72 -19.34 28.07
CA LYS B 471 -40.61 -20.49 28.26
C LYS B 471 -41.35 -20.84 26.97
N ARG B 472 -40.64 -20.73 25.84
CA ARG B 472 -41.16 -21.11 24.53
C ARG B 472 -40.33 -22.26 24.00
N ALA B 473 -40.95 -23.43 23.85
CA ALA B 473 -40.23 -24.60 23.35
C ALA B 473 -39.66 -24.35 21.97
N PHE B 474 -40.42 -23.66 21.12
CA PHE B 474 -40.06 -23.22 19.79
C PHE B 474 -39.84 -21.71 19.78
N PRO B 475 -38.83 -21.21 19.07
CA PRO B 475 -37.83 -21.91 18.27
C PRO B 475 -36.50 -22.12 18.99
N HIS B 476 -36.50 -22.39 20.29
CA HIS B 476 -35.26 -22.44 21.06
C HIS B 476 -34.76 -23.85 21.31
N LEU B 477 -35.64 -24.82 21.52
CA LEU B 477 -35.19 -26.19 21.71
C LEU B 477 -34.77 -26.81 20.38
N VAL B 478 -35.43 -26.45 19.29
CA VAL B 478 -34.98 -26.92 17.97
C VAL B 478 -33.58 -26.39 17.68
N ASN B 479 -33.35 -25.11 17.99
CA ASN B 479 -32.03 -24.52 17.82
C ASN B 479 -31.01 -25.19 18.73
N ALA B 480 -31.40 -25.49 19.97
CA ALA B 480 -30.49 -26.18 20.89
C ALA B 480 -30.12 -27.55 20.37
N GLY B 481 -31.08 -28.27 19.80
CA GLY B 481 -30.78 -29.54 19.16
C GLY B 481 -29.84 -29.38 17.98
N LYS B 482 -30.06 -28.34 17.17
CA LYS B 482 -29.18 -28.08 16.03
C LYS B 482 -27.75 -27.86 16.50
N TYR B 483 -27.57 -27.09 17.58
CA TYR B 483 -26.23 -26.83 18.08
C TYR B 483 -25.64 -28.03 18.82
N SER B 484 -26.47 -28.89 19.40
CA SER B 484 -25.97 -30.07 20.09
C SER B 484 -25.66 -31.22 19.14
N THR B 485 -26.13 -31.15 17.89
CA THR B 485 -25.68 -32.12 16.90
C THR B 485 -24.16 -32.12 16.78
N THR B 486 -23.53 -30.95 16.96
CA THR B 486 -22.08 -30.86 16.90
C THR B 486 -21.44 -31.66 18.03
N PHE B 487 -22.08 -31.71 19.20
CA PHE B 487 -21.55 -32.49 20.31
C PHE B 487 -21.37 -33.94 19.90
N PHE B 488 -22.44 -34.56 19.37
CA PHE B 488 -22.37 -35.96 18.96
C PHE B 488 -21.42 -36.13 17.77
N MET B 489 -21.44 -35.18 16.83
CA MET B 489 -20.49 -35.18 15.72
C MET B 489 -19.06 -35.36 16.22
N VAL B 490 -18.58 -34.41 17.03
CA VAL B 490 -17.20 -34.43 17.50
C VAL B 490 -16.96 -35.63 18.42
N THR B 491 -17.97 -36.01 19.19
CA THR B 491 -17.83 -37.15 20.08
C THR B 491 -17.47 -38.36 19.28
N PHE B 492 -18.31 -38.69 18.31
CA PHE B 492 -18.12 -39.93 17.56
C PHE B 492 -16.91 -39.83 16.65
N ALA B 493 -16.55 -38.63 16.20
CA ALA B 493 -15.29 -38.48 15.45
C ALA B 493 -14.09 -38.83 16.31
N ALA B 494 -14.05 -38.31 17.54
CA ALA B 494 -12.92 -38.59 18.42
C ALA B 494 -12.89 -40.05 18.86
N LEU B 495 -14.08 -40.63 19.11
CA LEU B 495 -14.11 -42.06 19.44
C LEU B 495 -13.63 -42.90 18.27
N TYR B 496 -13.99 -42.53 17.04
CA TYR B 496 -13.45 -43.23 15.88
C TYR B 496 -11.94 -43.08 15.81
N SER B 497 -11.43 -41.88 16.09
CA SER B 497 -9.98 -41.67 16.07
C SER B 497 -9.29 -42.63 17.04
N THR B 498 -9.74 -42.63 18.29
CA THR B 498 -9.12 -43.50 19.30
C THR B 498 -9.29 -44.97 18.95
N HIS B 499 -10.48 -45.36 18.49
CA HIS B 499 -10.78 -46.75 18.20
C HIS B 499 -9.97 -47.28 17.03
N LYS B 500 -9.75 -46.46 16.00
CA LYS B 500 -8.94 -46.86 14.86
C LYS B 500 -7.45 -46.81 15.15
N GLU B 501 -6.98 -45.81 15.91
CA GLU B 501 -5.57 -45.74 16.23
C GLU B 501 -5.15 -46.72 17.32
N ARG B 502 -6.09 -47.32 18.02
CA ARG B 502 -5.79 -48.35 19.00
C ARG B 502 -6.08 -49.75 18.49
N GLY B 503 -6.60 -49.89 17.27
CA GLY B 503 -6.80 -51.18 16.66
C GLY B 503 -7.86 -52.03 17.32
N HIS B 504 -9.12 -51.60 17.23
CA HIS B 504 -10.24 -52.33 17.81
C HIS B 504 -11.14 -52.87 16.70
N SER B 505 -12.11 -53.69 17.09
CA SER B 505 -12.98 -54.38 16.15
C SER B 505 -14.27 -53.63 15.84
N ASP B 506 -14.55 -52.53 16.53
CA ASP B 506 -15.75 -51.75 16.30
C ASP B 506 -15.45 -50.40 15.64
N THR B 507 -14.29 -50.27 15.00
CA THR B 507 -13.93 -49.03 14.32
C THR B 507 -14.91 -48.75 13.18
N MET B 508 -15.27 -49.79 12.41
CA MET B 508 -16.24 -49.60 11.33
C MET B 508 -17.60 -49.19 11.88
N VAL B 509 -18.01 -49.78 13.01
CA VAL B 509 -19.29 -49.40 13.61
C VAL B 509 -19.26 -47.95 14.05
N PHE B 510 -18.17 -47.52 14.68
CA PHE B 510 -18.04 -46.13 15.10
C PHE B 510 -18.05 -45.19 13.90
N PHE B 511 -17.35 -45.57 12.83
CA PHE B 511 -17.33 -44.73 11.62
C PHE B 511 -18.72 -44.61 11.02
N TYR B 512 -19.45 -45.72 10.95
CA TYR B 512 -20.80 -45.68 10.38
C TYR B 512 -21.73 -44.84 11.24
N LEU B 513 -21.64 -44.98 12.56
CA LEU B 513 -22.49 -44.18 13.45
C LEU B 513 -22.15 -42.71 13.38
N TRP B 514 -20.86 -42.39 13.25
CA TRP B 514 -20.45 -41.00 13.05
C TRP B 514 -20.94 -40.43 11.72
N ILE B 515 -20.84 -41.21 10.65
CA ILE B 515 -21.43 -40.78 9.38
C ILE B 515 -22.93 -40.57 9.55
N VAL B 516 -23.58 -41.43 10.34
CA VAL B 516 -25.02 -41.31 10.56
C VAL B 516 -25.34 -40.00 11.25
N PHE B 517 -24.58 -39.62 12.28
CA PHE B 517 -24.85 -38.36 12.98
C PHE B 517 -24.46 -37.16 12.11
N TYR B 518 -23.40 -37.28 11.33
CA TYR B 518 -23.22 -36.43 10.16
C TYR B 518 -24.43 -36.60 9.25
N ILE B 519 -24.54 -35.74 8.24
CA ILE B 519 -25.69 -35.67 7.36
C ILE B 519 -26.88 -35.12 8.14
N ILE B 520 -27.25 -35.73 9.27
CA ILE B 520 -28.26 -35.06 10.10
C ILE B 520 -27.75 -33.72 10.62
N SER B 521 -26.51 -33.67 11.11
CA SER B 521 -26.00 -32.40 11.59
C SER B 521 -25.98 -31.35 10.48
N SER B 522 -25.45 -31.71 9.32
CA SER B 522 -25.35 -30.76 8.21
C SER B 522 -26.72 -30.34 7.69
N CYS B 523 -27.66 -31.29 7.57
CA CYS B 523 -28.98 -30.95 7.06
C CYS B 523 -29.76 -30.12 8.07
N TYR B 524 -29.61 -30.43 9.36
CA TYR B 524 -30.21 -29.60 10.40
C TYR B 524 -29.74 -28.17 10.29
N THR B 525 -28.42 -27.97 10.25
CA THR B 525 -27.87 -26.62 10.15
C THR B 525 -28.28 -25.95 8.84
N LEU B 526 -28.30 -26.71 7.75
CA LEU B 526 -28.59 -26.14 6.44
C LEU B 526 -30.04 -25.70 6.33
N ILE B 527 -30.97 -26.55 6.77
CA ILE B 527 -32.38 -26.17 6.74
C ILE B 527 -32.63 -25.01 7.68
N TRP B 528 -31.96 -24.99 8.83
CA TRP B 528 -32.07 -23.84 9.72
C TRP B 528 -31.62 -22.57 9.02
N ASP B 529 -30.45 -22.62 8.38
CA ASP B 529 -29.93 -21.44 7.69
C ASP B 529 -30.88 -20.96 6.60
N LEU B 530 -31.41 -21.88 5.80
CA LEU B 530 -32.23 -21.48 4.66
C LEU B 530 -33.67 -21.16 5.03
N LYS B 531 -34.15 -21.54 6.21
CA LYS B 531 -35.53 -21.29 6.58
C LYS B 531 -35.69 -20.22 7.66
N MET B 532 -34.91 -20.27 8.74
CA MET B 532 -35.11 -19.37 9.86
C MET B 532 -34.05 -18.28 9.95
N ASP B 533 -32.78 -18.63 9.71
CA ASP B 533 -31.74 -17.61 9.70
C ASP B 533 -31.95 -16.60 8.58
N TRP B 534 -32.15 -17.08 7.36
CA TRP B 534 -32.32 -16.21 6.22
C TRP B 534 -33.78 -15.88 5.93
N GLY B 535 -34.70 -16.73 6.37
CA GLY B 535 -36.11 -16.54 6.07
C GLY B 535 -36.54 -16.95 4.69
N LEU B 536 -35.68 -17.63 3.94
CA LEU B 536 -35.99 -18.01 2.58
C LEU B 536 -36.94 -19.19 2.55
N PHE B 537 -37.30 -19.64 1.34
CA PHE B 537 -38.28 -20.71 1.14
C PHE B 537 -39.62 -20.37 1.78
N ASP B 538 -39.96 -19.09 1.82
CA ASP B 538 -41.19 -18.65 2.47
C ASP B 538 -42.38 -18.94 1.56
N LYS B 539 -43.49 -19.35 2.18
CA LYS B 539 -44.65 -19.78 1.41
C LYS B 539 -45.26 -18.63 0.61
N ASN B 540 -45.36 -17.45 1.23
CA ASN B 540 -46.02 -16.30 0.61
C ASN B 540 -45.10 -15.48 -0.27
N ALA B 541 -44.01 -16.07 -0.78
CA ALA B 541 -43.09 -15.32 -1.62
C ALA B 541 -43.76 -14.84 -2.91
N GLY B 542 -44.57 -15.70 -3.52
CA GLY B 542 -45.27 -15.32 -4.74
C GLY B 542 -44.38 -15.26 -5.96
N GLU B 543 -44.10 -14.04 -6.44
CA GLU B 543 -43.29 -13.87 -7.64
C GLU B 543 -41.87 -14.42 -7.42
N ASN B 544 -41.31 -14.22 -6.24
CA ASN B 544 -40.02 -14.81 -5.93
C ASN B 544 -40.16 -16.31 -5.74
N THR B 545 -39.24 -17.06 -6.34
CA THR B 545 -39.27 -18.51 -6.30
C THR B 545 -38.28 -19.01 -5.26
N PHE B 546 -38.77 -19.81 -4.31
CA PHE B 546 -37.95 -20.38 -3.24
C PHE B 546 -37.21 -19.28 -2.47
N LEU B 547 -37.88 -18.17 -2.23
CA LEU B 547 -37.27 -17.01 -1.58
C LEU B 547 -38.29 -16.43 -0.61
N ARG B 548 -38.05 -15.20 -0.18
CA ARG B 548 -38.97 -14.49 0.70
C ARG B 548 -39.81 -13.50 -0.09
N GLU B 549 -40.84 -12.97 0.57
CA GLU B 549 -41.73 -12.01 -0.09
C GLU B 549 -41.06 -10.65 -0.25
N GLU B 550 -40.21 -10.26 0.69
CA GLU B 550 -39.53 -8.98 0.67
C GLU B 550 -38.03 -9.19 0.59
N ILE B 551 -37.38 -8.46 -0.30
CA ILE B 551 -35.94 -8.53 -0.49
C ILE B 551 -35.40 -7.11 -0.55
N VAL B 552 -34.28 -6.86 0.14
CA VAL B 552 -33.70 -5.53 0.18
C VAL B 552 -32.41 -5.44 -0.64
N TYR B 553 -31.81 -6.57 -1.02
CA TYR B 553 -30.60 -6.51 -1.82
C TYR B 553 -30.94 -6.19 -3.28
N PRO B 554 -30.12 -5.39 -3.96
CA PRO B 554 -30.54 -4.88 -5.28
C PRO B 554 -30.78 -5.96 -6.32
N GLN B 555 -30.00 -7.03 -6.31
CA GLN B 555 -30.10 -8.08 -7.31
C GLN B 555 -30.68 -9.34 -6.69
N LYS B 556 -31.69 -9.90 -7.36
CA LYS B 556 -32.32 -11.11 -6.84
C LYS B 556 -31.46 -12.35 -7.03
N ALA B 557 -30.47 -12.30 -7.93
CA ALA B 557 -29.60 -13.45 -8.14
C ALA B 557 -28.68 -13.71 -6.96
N TYR B 558 -28.49 -12.71 -6.09
CA TYR B 558 -27.63 -12.90 -4.93
C TYR B 558 -28.17 -14.00 -4.03
N TYR B 559 -29.48 -13.98 -3.75
CA TYR B 559 -30.07 -15.02 -2.91
C TYR B 559 -29.95 -16.40 -3.54
N TYR B 560 -30.21 -16.49 -4.84
CA TYR B 560 -30.17 -17.79 -5.51
C TYR B 560 -28.76 -18.37 -5.52
N CYS B 561 -27.75 -17.53 -5.77
CA CYS B 561 -26.38 -18.03 -5.72
C CYS B 561 -25.96 -18.34 -4.28
N ALA B 562 -26.46 -17.57 -3.31
CA ALA B 562 -26.10 -17.81 -1.92
C ALA B 562 -26.70 -19.10 -1.39
N ILE B 563 -27.88 -19.48 -1.87
CA ILE B 563 -28.47 -20.75 -1.44
C ILE B 563 -27.58 -21.92 -1.87
N ILE B 564 -27.14 -21.90 -3.13
CA ILE B 564 -26.26 -22.96 -3.62
C ILE B 564 -24.92 -22.91 -2.89
N GLU B 565 -24.42 -21.71 -2.61
CA GLU B 565 -23.17 -21.58 -1.87
C GLU B 565 -23.28 -22.17 -0.48
N ASP B 566 -24.37 -21.88 0.22
CA ASP B 566 -24.58 -22.44 1.55
C ASP B 566 -24.73 -23.95 1.50
N VAL B 567 -25.39 -24.45 0.46
CA VAL B 567 -25.54 -25.91 0.33
C VAL B 567 -24.17 -26.56 0.14
N ILE B 568 -23.34 -26.01 -0.75
CA ILE B 568 -22.06 -26.65 -1.05
C ILE B 568 -21.09 -26.51 0.12
N LEU B 569 -21.09 -25.36 0.80
CA LEU B 569 -20.16 -25.13 1.89
C LEU B 569 -20.72 -25.56 3.24
N ARG B 570 -21.96 -26.05 3.28
CA ARG B 570 -22.56 -26.56 4.51
C ARG B 570 -22.24 -28.03 4.74
N PHE B 571 -21.88 -28.74 3.68
CA PHE B 571 -21.39 -30.10 3.80
C PHE B 571 -19.87 -30.12 3.84
N ALA B 572 -19.22 -29.10 3.28
CA ALA B 572 -17.77 -29.02 3.28
C ALA B 572 -17.23 -28.63 4.65
N TRP B 573 -17.87 -27.66 5.31
CA TRP B 573 -17.33 -27.12 6.56
C TRP B 573 -17.22 -28.19 7.64
N THR B 574 -18.27 -29.01 7.79
CA THR B 574 -18.24 -30.13 8.72
C THR B 574 -17.06 -31.04 8.40
N ILE B 575 -17.10 -31.66 7.21
CA ILE B 575 -16.06 -32.59 6.76
C ILE B 575 -14.66 -32.04 7.03
N GLN B 576 -14.47 -30.74 6.81
CA GLN B 576 -13.12 -30.21 6.84
C GLN B 576 -12.63 -29.88 8.25
N ILE B 577 -13.40 -29.15 9.05
CA ILE B 577 -12.89 -28.71 10.34
C ILE B 577 -13.73 -29.19 11.52
N SER B 578 -15.03 -29.50 11.33
CA SER B 578 -15.74 -30.12 12.43
C SER B 578 -15.20 -31.51 12.69
N ILE B 579 -14.64 -32.14 11.65
CA ILE B 579 -13.94 -33.41 11.74
C ILE B 579 -12.59 -33.20 11.06
N THR B 580 -11.80 -34.26 10.92
CA THR B 580 -10.55 -34.25 10.16
C THR B 580 -9.48 -33.46 10.89
N SER B 581 -9.87 -32.82 11.99
CA SER B 581 -8.96 -32.09 12.85
C SER B 581 -9.05 -32.56 14.30
N THR B 582 -10.06 -33.37 14.63
CA THR B 582 -10.09 -34.12 15.87
C THR B 582 -9.91 -35.62 15.64
N THR B 583 -9.90 -36.08 14.38
CA THR B 583 -9.55 -37.44 14.03
C THR B 583 -8.63 -37.40 12.82
N LEU B 584 -7.66 -38.32 12.77
CA LEU B 584 -6.74 -38.40 11.65
C LEU B 584 -7.15 -39.54 10.72
N LEU B 585 -8.23 -39.30 9.98
CA LEU B 585 -8.66 -40.27 8.98
C LEU B 585 -7.80 -40.13 7.72
N PRO B 586 -7.73 -38.94 7.07
CA PRO B 586 -6.88 -38.82 5.88
C PRO B 586 -5.51 -38.24 6.17
N HIS B 587 -4.51 -38.60 5.36
CA HIS B 587 -3.22 -37.94 5.45
C HIS B 587 -3.30 -36.49 4.98
N SER B 588 -4.09 -36.24 3.93
CA SER B 588 -4.30 -34.90 3.37
C SER B 588 -5.29 -34.07 4.17
N GLY B 589 -5.63 -34.52 5.38
CA GLY B 589 -6.56 -33.79 6.20
C GLY B 589 -6.11 -32.39 6.51
N ASP B 590 -4.80 -32.20 6.74
CA ASP B 590 -4.28 -30.86 6.98
C ASP B 590 -4.51 -29.96 5.78
N ILE B 591 -4.25 -30.47 4.57
CA ILE B 591 -4.47 -29.68 3.36
C ILE B 591 -5.94 -29.33 3.22
N ILE B 592 -6.83 -30.30 3.44
CA ILE B 592 -8.25 -30.06 3.27
C ILE B 592 -8.74 -29.02 4.26
N ALA B 593 -8.34 -29.16 5.53
CA ALA B 593 -8.77 -28.21 6.55
C ALA B 593 -8.23 -26.81 6.27
N THR B 594 -6.95 -26.71 5.91
CA THR B 594 -6.34 -25.41 5.66
C THR B 594 -6.97 -24.74 4.44
N VAL B 595 -7.33 -25.52 3.42
CA VAL B 595 -7.90 -24.93 2.23
C VAL B 595 -9.39 -24.64 2.38
N PHE B 596 -10.08 -25.29 3.32
CA PHE B 596 -11.52 -25.11 3.44
C PHE B 596 -11.95 -24.19 4.59
N ALA B 597 -11.09 -23.97 5.59
CA ALA B 597 -11.43 -23.02 6.63
C ALA B 597 -11.69 -21.61 6.08
N PRO B 598 -10.91 -21.08 5.14
CA PRO B 598 -11.30 -19.82 4.50
C PRO B 598 -12.69 -19.87 3.88
N LEU B 599 -13.08 -20.99 3.25
CA LEU B 599 -14.45 -21.09 2.76
C LEU B 599 -15.45 -21.18 3.90
N GLU B 600 -15.05 -21.69 5.07
CA GLU B 600 -15.92 -21.63 6.23
C GLU B 600 -16.21 -20.18 6.61
N VAL B 601 -15.16 -19.37 6.70
CA VAL B 601 -15.36 -17.96 7.03
C VAL B 601 -16.12 -17.25 5.93
N PHE B 602 -15.93 -17.65 4.68
CA PHE B 602 -16.69 -17.06 3.58
C PHE B 602 -18.17 -17.42 3.67
N ARG B 603 -18.48 -18.67 4.02
CA ARG B 603 -19.87 -19.05 4.23
C ARG B 603 -20.49 -18.27 5.37
N ARG B 604 -19.73 -18.07 6.44
CA ARG B 604 -20.23 -17.24 7.52
C ARG B 604 -20.43 -15.80 7.08
N PHE B 605 -19.54 -15.30 6.22
CA PHE B 605 -19.64 -13.94 5.72
C PHE B 605 -20.92 -13.75 4.90
N VAL B 606 -21.22 -14.71 4.03
CA VAL B 606 -22.45 -14.59 3.24
C VAL B 606 -23.68 -14.84 4.10
N TRP B 607 -23.59 -15.73 5.10
CA TRP B 607 -24.70 -15.95 6.01
C TRP B 607 -25.01 -14.69 6.81
N ASN B 608 -23.99 -13.90 7.13
CA ASN B 608 -24.20 -12.67 7.87
C ASN B 608 -25.13 -11.73 7.12
N PHE B 609 -24.91 -11.59 5.81
CA PHE B 609 -25.71 -10.68 5.00
C PHE B 609 -27.20 -10.99 5.15
N PHE B 610 -27.57 -12.24 4.94
CA PHE B 610 -28.98 -12.58 4.89
C PHE B 610 -29.58 -12.77 6.27
N ARG B 611 -28.79 -13.17 7.27
CA ARG B 611 -29.33 -13.18 8.63
C ARG B 611 -29.64 -11.77 9.10
N LEU B 612 -28.73 -10.83 8.87
CA LEU B 612 -29.01 -9.44 9.26
C LEU B 612 -30.16 -8.86 8.45
N GLU B 613 -30.23 -9.19 7.16
CA GLU B 613 -31.32 -8.70 6.33
C GLU B 613 -32.66 -9.26 6.79
N ASN B 614 -32.70 -10.53 7.20
CA ASN B 614 -33.91 -11.10 7.77
C ASN B 614 -34.26 -10.45 9.09
N GLU B 615 -33.26 -10.13 9.90
CA GLU B 615 -33.50 -9.45 11.17
C GLU B 615 -34.14 -8.09 10.94
N HIS B 616 -33.65 -7.33 9.95
CA HIS B 616 -34.21 -6.02 9.68
C HIS B 616 -35.64 -6.10 9.17
N LEU B 617 -35.90 -7.03 8.24
CA LEU B 617 -37.19 -7.06 7.57
C LEU B 617 -38.29 -7.56 8.51
N ASN B 618 -38.19 -8.81 8.96
CA ASN B 618 -39.16 -9.41 9.86
C ASN B 618 -38.41 -10.05 11.01
N ASN B 619 -38.68 -9.57 12.22
CA ASN B 619 -37.92 -9.97 13.41
C ASN B 619 -37.85 -11.48 13.55
N CYS B 620 -36.62 -12.00 13.66
CA CYS B 620 -36.37 -13.40 13.93
C CYS B 620 -35.68 -13.54 15.27
N GLY B 621 -36.03 -14.62 15.99
CA GLY B 621 -35.55 -14.82 17.34
C GLY B 621 -36.20 -13.94 18.37
N GLU B 622 -37.01 -12.97 17.97
CA GLU B 622 -37.74 -12.08 18.88
C GLU B 622 -36.79 -11.39 19.85
N PHE B 623 -35.62 -10.97 19.34
CA PHE B 623 -34.72 -10.16 20.14
C PHE B 623 -35.33 -8.80 20.43
N ARG B 624 -35.98 -8.20 19.45
CA ARG B 624 -36.54 -6.85 19.56
C ARG B 624 -37.96 -6.91 20.10
N ALA B 625 -38.35 -5.87 20.83
CA ALA B 625 -39.70 -5.79 21.37
C ALA B 625 -40.72 -5.66 20.24
N VAL B 626 -40.41 -4.87 19.22
CA VAL B 626 -41.33 -4.65 18.11
C VAL B 626 -41.45 -5.91 17.26
#